data_6N2F
#
_entry.id   6N2F
#
_cell.length_a   51.381
_cell.length_b   107.989
_cell.length_c   80.929
_cell.angle_alpha   90.000
_cell.angle_beta   98.610
_cell.angle_gamma   90.000
#
_symmetry.space_group_name_H-M   'P 1 21 1'
#
loop_
_entity.id
_entity.type
_entity.pdbx_description
1 polymer 'Diaminopimelate decarboxylase 2, chloroplastic'
2 non-polymer "PYRIDOXAL-5'-PHOSPHATE"
3 non-polymer LYSINE
4 water water
#
_entity_poly.entity_id   1
_entity_poly.type   'polypeptide(L)'
_entity_poly.pdbx_seq_one_letter_code
;FDHCFKKSSDGFLYCEGTKVQDIMETVEKRPFYLYSKPQITRNLEAYKEALEGVRSVIGYAIKANNNLKILEHLRSLGCG
AVLVSGNELRLALLAGFDPTKCIFNGNGKSLEDLVLAAQEGVFVNVDSEFDLNNIVEASRISGKQVNVLLRINPDVDPQV
HPYVATGNKNSKFGIRNEKLQWFLDEVKAHPKELKLVGAHCHLGSTITKVDIFRDAAVLMIEYIDEIRRQGFEVSYLNIG
GGLGIDYYHAGAVLPTPMDLINTVRELVLSRDLNLIIEPGRSLIANTCCFVNHVTGVKTNGTKNFIVIDGSMAELIRPSL
YDAYQHIELVSPTPPEAEVTKFDVVGPVCESADFLGKDRELPTPPQGAGLVVHDAGAYCMSMASTYNLKMRPPEYWVEED
GSITKIRHAETFDDHLRFFEGL
;
_entity_poly.pdbx_strand_id   A,B
#
# COMPACT_ATOMS: atom_id res chain seq x y z
N PHE A 1 10.00 24.24 -13.57
CA PHE A 1 9.33 24.82 -14.79
C PHE A 1 9.66 23.99 -16.05
N ASP A 2 10.88 23.45 -16.11
CA ASP A 2 11.34 22.59 -17.24
C ASP A 2 10.97 21.12 -16.95
N HIS A 3 10.23 20.48 -17.86
CA HIS A 3 9.49 19.23 -17.59
C HIS A 3 8.96 18.63 -18.90
N CYS A 4 8.80 17.32 -18.95
CA CYS A 4 8.21 16.61 -20.12
C CYS A 4 6.68 16.76 -20.17
N PHE A 5 6.02 17.17 -19.08
CA PHE A 5 4.57 17.54 -19.04
C PHE A 5 4.43 19.07 -18.83
N LYS A 6 4.07 19.76 -19.92
CA LYS A 6 4.03 21.24 -20.06
C LYS A 6 2.60 21.68 -20.45
N LYS A 7 2.13 22.77 -19.85
CA LYS A 7 0.92 23.51 -20.30
C LYS A 7 1.36 24.48 -21.40
N SER A 8 0.77 24.39 -22.59
CA SER A 8 1.05 25.32 -23.71
C SER A 8 0.17 26.58 -23.62
N SER A 9 0.34 27.48 -24.59
CA SER A 9 -0.51 28.69 -24.80
C SER A 9 -1.99 28.33 -24.94
N ASP A 10 -2.31 27.15 -25.49
CA ASP A 10 -3.71 26.72 -25.76
C ASP A 10 -4.40 26.21 -24.47
N GLY A 11 -3.68 26.17 -23.34
CA GLY A 11 -4.22 25.81 -22.01
C GLY A 11 -4.40 24.30 -21.82
N PHE A 12 -3.87 23.51 -22.77
CA PHE A 12 -3.81 22.01 -22.80
C PHE A 12 -2.43 21.50 -22.36
N LEU A 13 -2.43 20.40 -21.62
CA LEU A 13 -1.24 19.71 -21.06
C LEU A 13 -0.67 18.83 -22.17
N TYR A 14 0.63 18.90 -22.41
CA TYR A 14 1.32 18.09 -23.44
C TYR A 14 2.37 17.20 -22.78
N CYS A 15 2.55 16.02 -23.37
CA CYS A 15 3.59 15.01 -23.09
C CYS A 15 4.36 14.78 -24.40
N GLU A 16 5.58 15.34 -24.49
CA GLU A 16 6.42 15.30 -25.72
C GLU A 16 5.56 15.65 -26.95
N GLY A 17 5.00 16.87 -26.94
CA GLY A 17 4.23 17.42 -28.06
C GLY A 17 2.92 16.70 -28.38
N THR A 18 2.45 15.76 -27.56
CA THR A 18 1.13 15.09 -27.73
C THR A 18 0.21 15.58 -26.60
N LYS A 19 -1.01 16.05 -26.93
CA LYS A 19 -2.03 16.51 -25.96
C LYS A 19 -2.43 15.32 -25.07
N VAL A 20 -2.37 15.46 -23.75
CA VAL A 20 -2.87 14.40 -22.82
C VAL A 20 -4.39 14.20 -23.05
N GLN A 21 -5.14 15.25 -23.37
CA GLN A 21 -6.59 15.14 -23.70
C GLN A 21 -6.81 14.11 -24.83
N ASP A 22 -5.99 14.09 -25.87
CA ASP A 22 -6.19 13.15 -27.01
C ASP A 22 -5.77 11.73 -26.61
N ILE A 23 -4.80 11.60 -25.69
CA ILE A 23 -4.38 10.28 -25.18
C ILE A 23 -5.55 9.71 -24.41
N MET A 24 -6.16 10.52 -23.54
CA MET A 24 -7.31 10.11 -22.69
C MET A 24 -8.46 9.57 -23.56
N GLU A 25 -8.68 10.16 -24.73
CA GLU A 25 -9.74 9.72 -25.69
C GLU A 25 -9.34 8.39 -26.33
N THR A 26 -8.05 8.04 -26.42
CA THR A 26 -7.63 6.78 -27.12
C THR A 26 -7.78 5.59 -26.15
N VAL A 27 -7.57 5.79 -24.84
CA VAL A 27 -7.46 4.68 -23.83
C VAL A 27 -8.77 4.54 -23.06
N GLU A 28 -8.92 3.45 -22.30
CA GLU A 28 -10.18 3.14 -21.56
C GLU A 28 -10.39 4.27 -20.51
N LYS A 29 -11.65 4.65 -20.25
CA LYS A 29 -12.05 5.77 -19.35
C LYS A 29 -11.90 5.28 -17.90
N ARG A 30 -10.66 5.14 -17.43
CA ARG A 30 -10.31 4.69 -16.06
C ARG A 30 -8.93 5.26 -15.74
N PRO A 31 -8.47 5.27 -14.48
CA PRO A 31 -7.17 5.86 -14.19
C PRO A 31 -6.07 5.06 -14.91
N PHE A 32 -5.00 5.73 -15.31
CA PHE A 32 -3.86 5.07 -15.99
C PHE A 32 -2.60 5.87 -15.71
N TYR A 33 -1.45 5.21 -15.66
CA TYR A 33 -0.14 5.92 -15.50
C TYR A 33 0.40 6.19 -16.91
N LEU A 34 0.86 7.41 -17.18
CA LEU A 34 1.37 7.80 -18.52
C LEU A 34 2.84 8.23 -18.44
N TYR A 35 3.73 7.59 -19.20
CA TYR A 35 5.18 7.98 -19.23
C TYR A 35 5.59 8.64 -20.54
N SER A 36 6.56 9.54 -20.43
CA SER A 36 7.43 10.04 -21.54
C SER A 36 8.66 9.12 -21.65
N LYS A 37 8.70 8.21 -22.62
CA LYS A 37 9.89 7.36 -22.87
C LYS A 37 11.11 8.23 -23.16
N PRO A 38 11.01 9.33 -23.96
CA PRO A 38 12.10 10.29 -24.13
C PRO A 38 12.66 10.98 -22.86
N GLN A 39 11.84 11.28 -21.87
CA GLN A 39 12.36 11.88 -20.62
C GLN A 39 13.18 10.81 -19.86
N ILE A 40 12.80 9.53 -19.98
CA ILE A 40 13.55 8.38 -19.37
C ILE A 40 14.95 8.42 -20.01
N THR A 41 14.99 8.50 -21.35
CA THR A 41 16.23 8.61 -22.13
C THR A 41 17.05 9.83 -21.67
N ARG A 42 16.49 11.05 -21.66
CA ARG A 42 17.23 12.28 -21.27
C ARG A 42 17.84 12.10 -19.88
N ASN A 43 17.06 11.62 -18.91
CA ASN A 43 17.46 11.47 -17.49
C ASN A 43 18.69 10.55 -17.42
N LEU A 44 18.66 9.43 -18.14
CA LEU A 44 19.78 8.47 -18.13
C LEU A 44 21.00 9.08 -18.82
N GLU A 45 20.82 9.71 -19.98
CA GLU A 45 21.93 10.32 -20.77
C GLU A 45 22.63 11.36 -19.91
N ALA A 46 21.92 12.08 -19.05
CA ALA A 46 22.51 13.11 -18.16
C ALA A 46 23.55 12.46 -17.23
N TYR A 47 23.27 11.28 -16.69
CA TYR A 47 24.20 10.52 -15.81
C TYR A 47 25.35 9.96 -16.65
N LYS A 48 25.01 9.24 -17.72
CA LYS A 48 25.98 8.68 -18.69
C LYS A 48 27.00 9.77 -19.06
N GLU A 49 26.53 10.99 -19.32
CA GLU A 49 27.40 12.10 -19.79
C GLU A 49 28.29 12.48 -18.61
N ALA A 50 27.78 12.47 -17.39
CA ALA A 50 28.51 12.91 -16.17
C ALA A 50 29.55 11.86 -15.79
N LEU A 51 29.30 10.60 -16.14
CA LEU A 51 30.18 9.44 -15.82
C LEU A 51 31.17 9.15 -16.95
N GLU A 52 31.26 9.95 -18.04
CA GLU A 52 32.16 9.67 -19.20
C GLU A 52 33.63 9.83 -18.77
N GLY A 53 34.48 8.86 -19.10
CA GLY A 53 35.87 8.80 -18.63
C GLY A 53 36.02 8.12 -17.27
N VAL A 54 34.93 7.86 -16.56
CA VAL A 54 34.92 7.12 -15.26
C VAL A 54 34.39 5.71 -15.54
N ARG A 55 35.10 4.69 -15.07
CA ARG A 55 34.56 3.32 -15.02
C ARG A 55 33.36 3.41 -14.08
N SER A 56 32.20 2.86 -14.43
CA SER A 56 30.95 3.10 -13.68
C SER A 56 29.85 2.10 -14.05
N VAL A 57 28.93 1.88 -13.12
CA VAL A 57 27.59 1.25 -13.31
C VAL A 57 26.54 2.25 -12.82
N ILE A 58 25.65 2.69 -13.71
CA ILE A 58 24.44 3.45 -13.29
C ILE A 58 23.43 2.40 -12.78
N GLY A 59 23.27 2.31 -11.46
CA GLY A 59 22.44 1.24 -10.87
C GLY A 59 20.99 1.69 -10.68
N TYR A 60 20.06 1.15 -11.46
CA TYR A 60 18.63 1.54 -11.38
C TYR A 60 17.87 0.64 -10.39
N ALA A 61 17.23 1.24 -9.37
CA ALA A 61 16.42 0.52 -8.34
C ALA A 61 15.12 -0.03 -8.96
N ILE A 62 15.08 -1.32 -9.31
CA ILE A 62 13.89 -2.02 -9.89
C ILE A 62 12.68 -1.90 -8.94
N LYS A 63 12.98 -1.71 -7.65
CA LYS A 63 12.06 -1.31 -6.55
C LYS A 63 11.12 -0.13 -6.93
N ALA A 64 11.65 0.95 -7.52
CA ALA A 64 10.89 2.21 -7.78
C ALA A 64 9.87 1.99 -8.92
N ASN A 65 10.13 1.09 -9.85
CA ASN A 65 9.24 0.87 -11.02
C ASN A 65 9.72 -0.42 -11.69
N ASN A 66 8.87 -1.44 -11.72
CA ASN A 66 9.20 -2.79 -12.23
C ASN A 66 8.39 -3.10 -13.48
N ASN A 67 7.99 -2.06 -14.23
CA ASN A 67 7.48 -2.25 -15.61
C ASN A 67 8.57 -2.85 -16.48
N LEU A 68 8.30 -4.01 -17.08
CA LEU A 68 9.24 -4.76 -17.94
C LEU A 68 9.72 -3.93 -19.14
N LYS A 69 8.80 -3.23 -19.83
CA LYS A 69 9.14 -2.47 -21.06
C LYS A 69 10.13 -1.38 -20.67
N ILE A 70 9.94 -0.72 -19.51
CA ILE A 70 10.84 0.37 -19.02
C ILE A 70 12.20 -0.21 -18.60
N LEU A 71 12.21 -1.35 -17.91
CA LEU A 71 13.46 -2.07 -17.57
C LEU A 71 14.27 -2.37 -18.85
N GLU A 72 13.66 -2.99 -19.86
CA GLU A 72 14.27 -3.33 -21.17
C GLU A 72 14.83 -2.08 -21.86
N HIS A 73 14.17 -0.92 -21.69
CA HIS A 73 14.61 0.34 -22.35
C HIS A 73 15.83 0.89 -21.61
N LEU A 74 15.79 0.87 -20.27
CA LEU A 74 16.95 1.31 -19.46
C LEU A 74 18.16 0.38 -19.74
N ARG A 75 17.98 -0.93 -19.77
CA ARG A 75 19.03 -1.93 -20.12
C ARG A 75 19.62 -1.64 -21.52
N SER A 76 18.79 -1.42 -22.52
CA SER A 76 19.22 -1.08 -23.91
C SER A 76 20.21 0.08 -23.88
N LEU A 77 20.14 0.97 -22.89
CA LEU A 77 20.98 2.20 -22.80
C LEU A 77 22.21 2.01 -21.91
N GLY A 78 22.52 0.80 -21.43
CA GLY A 78 23.74 0.52 -20.63
C GLY A 78 23.55 0.64 -19.11
N CYS A 79 22.29 0.72 -18.68
CA CYS A 79 21.89 0.88 -17.26
C CYS A 79 22.21 -0.40 -16.47
N GLY A 80 22.65 -0.25 -15.22
CA GLY A 80 22.73 -1.35 -14.25
C GLY A 80 21.42 -1.51 -13.49
N ALA A 81 21.36 -2.49 -12.60
CA ALA A 81 20.16 -2.86 -11.82
C ALA A 81 20.56 -3.15 -10.36
N VAL A 82 19.91 -2.43 -9.45
CA VAL A 82 19.91 -2.63 -7.97
C VAL A 82 18.69 -3.48 -7.60
N LEU A 83 18.91 -4.58 -6.89
CA LEU A 83 17.88 -5.60 -6.61
C LEU A 83 17.71 -5.72 -5.09
N VAL A 84 16.50 -6.00 -4.62
CA VAL A 84 16.21 -6.18 -3.18
C VAL A 84 15.45 -7.50 -2.96
N SER A 85 15.19 -8.27 -4.01
CA SER A 85 14.49 -9.57 -3.87
C SER A 85 14.81 -10.52 -5.03
N GLY A 86 14.53 -11.81 -4.81
CA GLY A 86 14.69 -12.85 -5.82
C GLY A 86 13.95 -12.50 -7.09
N ASN A 87 12.73 -12.04 -6.92
CA ASN A 87 11.82 -11.81 -8.05
C ASN A 87 12.37 -10.67 -8.89
N GLU A 88 12.87 -9.62 -8.25
CA GLU A 88 13.47 -8.45 -8.95
C GLU A 88 14.68 -8.94 -9.74
N LEU A 89 15.41 -9.92 -9.20
CA LEU A 89 16.56 -10.51 -9.92
C LEU A 89 16.01 -11.28 -11.12
N ARG A 90 14.99 -12.13 -10.93
CA ARG A 90 14.41 -12.90 -12.05
C ARG A 90 14.01 -11.92 -13.16
N LEU A 91 13.50 -10.75 -12.78
CA LEU A 91 12.94 -9.78 -13.74
C LEU A 91 14.05 -9.00 -14.46
N ALA A 92 15.12 -8.64 -13.75
CA ALA A 92 16.34 -8.04 -14.36
C ALA A 92 16.93 -8.96 -15.44
N LEU A 93 16.98 -10.28 -15.20
CA LEU A 93 17.53 -11.28 -16.18
C LEU A 93 16.61 -11.40 -17.40
N LEU A 94 15.30 -11.44 -17.18
CA LEU A 94 14.27 -11.46 -18.25
C LEU A 94 14.42 -10.20 -19.13
N ALA A 95 14.61 -9.04 -18.52
CA ALA A 95 14.70 -7.75 -19.22
C ALA A 95 16.06 -7.64 -19.93
N GLY A 96 16.89 -8.68 -19.83
CA GLY A 96 18.21 -8.79 -20.51
C GLY A 96 19.34 -8.09 -19.78
N PHE A 97 19.22 -7.79 -18.48
CA PHE A 97 20.29 -7.05 -17.76
C PHE A 97 21.54 -7.92 -17.62
N ASP A 98 22.70 -7.27 -17.66
CA ASP A 98 24.04 -7.88 -17.51
C ASP A 98 24.26 -8.17 -16.02
N PRO A 99 24.42 -9.43 -15.59
CA PRO A 99 24.65 -9.75 -14.18
C PRO A 99 25.90 -9.08 -13.56
N THR A 100 26.88 -8.65 -14.38
CA THR A 100 28.07 -7.87 -13.91
C THR A 100 27.69 -6.39 -13.72
N LYS A 101 26.44 -6.02 -14.00
CA LYS A 101 25.84 -4.69 -13.74
C LYS A 101 24.64 -4.82 -12.79
N CYS A 102 24.51 -5.94 -12.07
CA CYS A 102 23.49 -6.14 -11.01
C CYS A 102 24.17 -6.18 -9.61
N ILE A 103 23.61 -5.44 -8.64
CA ILE A 103 23.95 -5.57 -7.20
C ILE A 103 22.68 -5.89 -6.43
N PHE A 104 22.81 -6.76 -5.44
CA PHE A 104 21.69 -7.31 -4.63
C PHE A 104 21.90 -6.79 -3.21
N ASN A 105 21.01 -5.87 -2.78
CA ASN A 105 20.97 -5.24 -1.44
C ASN A 105 19.91 -5.91 -0.57
N GLY A 106 19.93 -5.67 0.74
CA GLY A 106 18.79 -6.03 1.59
C GLY A 106 19.20 -6.50 2.97
N ASN A 107 18.34 -6.25 3.97
CA ASN A 107 18.57 -6.64 5.38
C ASN A 107 18.07 -8.07 5.59
N GLY A 108 17.28 -8.61 4.67
CA GLY A 108 16.73 -9.97 4.79
C GLY A 108 16.81 -10.71 3.47
N LYS A 109 18.01 -10.85 2.91
CA LYS A 109 18.22 -11.67 1.70
C LYS A 109 18.05 -13.13 2.11
N SER A 110 16.94 -13.75 1.72
CA SER A 110 16.69 -15.19 1.96
C SER A 110 17.85 -15.96 1.36
N LEU A 111 18.15 -17.12 1.96
CA LEU A 111 19.11 -18.14 1.45
C LEU A 111 18.80 -18.50 0.00
N GLU A 112 17.53 -18.73 -0.33
CA GLU A 112 17.05 -19.19 -1.66
C GLU A 112 17.32 -18.13 -2.72
N ASP A 113 17.16 -16.85 -2.36
CA ASP A 113 17.39 -15.69 -3.28
C ASP A 113 18.89 -15.55 -3.54
N LEU A 114 19.69 -15.69 -2.49
CA LEU A 114 21.17 -15.64 -2.56
C LEU A 114 21.66 -16.80 -3.42
N VAL A 115 21.04 -17.98 -3.35
CA VAL A 115 21.45 -19.12 -4.23
C VAL A 115 21.32 -18.68 -5.68
N LEU A 116 20.15 -18.17 -6.06
CA LEU A 116 19.89 -17.58 -7.41
C LEU A 116 20.93 -16.49 -7.69
N ALA A 117 21.21 -15.61 -6.73
CA ALA A 117 22.18 -14.52 -6.89
C ALA A 117 23.56 -15.12 -7.19
N ALA A 118 23.93 -16.19 -6.49
CA ALA A 118 25.23 -16.89 -6.61
C ALA A 118 25.33 -17.62 -7.96
N GLN A 119 24.28 -18.36 -8.37
CA GLN A 119 24.21 -19.04 -9.70
C GLN A 119 24.44 -18.05 -10.84
N GLU A 120 23.99 -16.79 -10.74
CA GLU A 120 23.85 -15.85 -11.90
C GLU A 120 24.98 -14.84 -11.99
N GLY A 121 25.82 -14.69 -10.96
CA GLY A 121 27.09 -13.93 -11.03
C GLY A 121 26.89 -12.45 -10.71
N VAL A 122 25.88 -12.16 -9.89
CA VAL A 122 25.50 -10.77 -9.53
C VAL A 122 26.31 -10.39 -8.29
N PHE A 123 26.65 -9.12 -8.12
CA PHE A 123 27.26 -8.60 -6.88
C PHE A 123 26.23 -8.74 -5.77
N VAL A 124 26.75 -8.96 -4.57
CA VAL A 124 25.98 -9.05 -3.31
C VAL A 124 26.61 -8.06 -2.31
N ASN A 125 25.83 -7.07 -1.85
CA ASN A 125 26.22 -6.14 -0.77
C ASN A 125 25.94 -6.83 0.57
N VAL A 126 26.89 -6.82 1.49
CA VAL A 126 26.77 -7.53 2.79
C VAL A 126 26.25 -6.54 3.83
N ASP A 127 25.21 -6.96 4.54
CA ASP A 127 24.38 -6.14 5.45
C ASP A 127 24.76 -6.40 6.92
N SER A 128 25.10 -7.64 7.28
CA SER A 128 25.15 -8.17 8.67
C SER A 128 25.95 -9.49 8.72
N GLU A 129 26.26 -9.96 9.94
CA GLU A 129 26.93 -11.26 10.20
C GLU A 129 26.07 -12.41 9.66
N PHE A 130 24.74 -12.36 9.84
CA PHE A 130 23.82 -13.45 9.40
C PHE A 130 23.70 -13.40 7.87
N ASP A 131 23.85 -12.22 7.27
CA ASP A 131 23.89 -12.04 5.80
C ASP A 131 25.14 -12.75 5.24
N LEU A 132 26.30 -12.56 5.86
CA LEU A 132 27.56 -13.17 5.37
C LEU A 132 27.44 -14.70 5.41
N ASN A 133 26.95 -15.26 6.51
CA ASN A 133 26.86 -16.73 6.68
C ASN A 133 25.92 -17.28 5.63
N ASN A 134 24.78 -16.63 5.44
CA ASN A 134 23.81 -16.91 4.34
C ASN A 134 24.55 -16.95 2.99
N ILE A 135 25.40 -15.95 2.71
CA ILE A 135 26.09 -15.83 1.39
C ILE A 135 27.05 -17.00 1.20
N VAL A 136 27.88 -17.31 2.20
CA VAL A 136 28.79 -18.50 2.16
C VAL A 136 27.96 -19.76 1.86
N GLU A 137 26.85 -19.96 2.56
CA GLU A 137 26.07 -21.22 2.41
C GLU A 137 25.46 -21.25 0.99
N ALA A 138 25.06 -20.08 0.45
CA ALA A 138 24.60 -19.90 -0.95
C ALA A 138 25.68 -20.33 -1.93
N SER A 139 26.92 -19.95 -1.64
CA SER A 139 28.09 -20.38 -2.43
C SER A 139 28.23 -21.90 -2.39
N ARG A 140 28.10 -22.53 -1.23
CA ARG A 140 28.36 -23.99 -1.12
C ARG A 140 27.24 -24.74 -1.85
N ILE A 141 26.00 -24.29 -1.71
CA ILE A 141 24.82 -24.89 -2.40
C ILE A 141 24.96 -24.67 -3.91
N SER A 142 25.20 -23.44 -4.37
CA SER A 142 25.33 -23.06 -5.81
C SER A 142 26.56 -23.73 -6.44
N GLY A 143 27.64 -23.87 -5.66
CA GLY A 143 28.97 -24.28 -6.14
C GLY A 143 29.70 -23.16 -6.89
N LYS A 144 29.42 -21.90 -6.54
CA LYS A 144 29.91 -20.69 -7.27
C LYS A 144 30.46 -19.67 -6.28
N GLN A 145 31.59 -19.06 -6.58
CA GLN A 145 32.17 -18.00 -5.74
C GLN A 145 31.22 -16.79 -5.85
N VAL A 146 30.99 -16.11 -4.75
CA VAL A 146 30.14 -14.91 -4.72
C VAL A 146 31.05 -13.69 -4.56
N ASN A 147 30.91 -12.75 -5.49
CA ASN A 147 31.57 -11.43 -5.43
C ASN A 147 30.77 -10.56 -4.46
N VAL A 148 31.39 -10.02 -3.41
CA VAL A 148 30.71 -9.34 -2.28
C VAL A 148 31.39 -7.98 -2.04
N LEU A 149 30.64 -7.01 -1.52
CA LEU A 149 31.15 -5.69 -1.08
C LEU A 149 30.80 -5.57 0.40
N LEU A 150 31.64 -4.89 1.18
CA LEU A 150 31.40 -4.71 2.64
C LEU A 150 30.81 -3.34 2.88
N ARG A 151 29.99 -3.24 3.93
CA ARG A 151 29.41 -1.95 4.38
C ARG A 151 30.47 -0.99 4.92
N ILE A 152 30.33 0.26 4.58
CA ILE A 152 31.02 1.40 5.24
C ILE A 152 29.91 2.39 5.61
N ASN A 153 29.99 2.96 6.82
CA ASN A 153 28.99 3.90 7.39
C ASN A 153 29.62 5.29 7.39
N PRO A 154 29.04 6.26 6.64
CA PRO A 154 29.62 7.61 6.60
C PRO A 154 29.38 8.41 7.89
N ASP A 155 29.36 9.74 7.77
CA ASP A 155 28.76 10.64 8.79
C ASP A 155 27.46 11.22 8.20
N VAL A 156 26.32 10.67 8.63
CA VAL A 156 24.94 11.10 8.23
C VAL A 156 24.02 11.04 9.45
N ASP A 157 24.15 9.99 10.28
CA ASP A 157 23.35 9.74 11.52
C ASP A 157 23.18 11.05 12.29
N PRO A 158 21.96 11.62 12.32
CA PRO A 158 21.72 12.85 13.08
C PRO A 158 21.74 12.52 14.58
N GLN A 159 21.47 11.25 14.94
CA GLN A 159 21.64 10.69 16.32
C GLN A 159 23.14 10.57 16.63
N VAL A 160 23.52 10.66 17.91
CA VAL A 160 24.94 10.64 18.41
C VAL A 160 25.02 9.75 19.67
N HIS A 161 25.69 8.60 19.56
CA HIS A 161 25.88 7.59 20.64
C HIS A 161 27.35 7.60 21.10
N SER A 171 43.35 -1.35 15.31
CA SER A 171 42.32 -1.04 14.28
C SER A 171 42.49 0.42 13.81
N LYS A 172 42.27 0.68 12.52
CA LYS A 172 42.67 1.97 11.87
C LYS A 172 41.61 2.42 10.86
N PHE A 173 40.36 2.58 11.30
CA PHE A 173 39.20 2.98 10.45
C PHE A 173 38.51 4.22 11.02
N GLY A 174 37.64 4.00 12.02
CA GLY A 174 36.74 5.04 12.55
C GLY A 174 35.82 4.48 13.61
N ILE A 175 35.43 5.30 14.58
CA ILE A 175 34.58 4.92 15.75
C ILE A 175 33.22 4.38 15.26
N ARG A 176 32.75 4.79 14.06
CA ARG A 176 31.47 4.36 13.43
C ARG A 176 31.67 3.15 12.50
N ASN A 177 32.89 2.57 12.45
CA ASN A 177 33.26 1.45 11.52
C ASN A 177 34.08 0.39 12.28
N GLU A 178 33.82 0.24 13.58
CA GLU A 178 34.45 -0.74 14.51
C GLU A 178 34.47 -2.15 13.89
N LYS A 179 33.38 -2.60 13.27
CA LYS A 179 33.19 -4.03 12.86
C LYS A 179 33.89 -4.38 11.53
N LEU A 180 34.32 -3.40 10.73
CA LEU A 180 34.81 -3.64 9.34
C LEU A 180 35.97 -4.63 9.33
N GLN A 181 36.98 -4.41 10.18
CA GLN A 181 38.14 -5.34 10.31
C GLN A 181 37.65 -6.77 10.56
N TRP A 182 36.74 -6.99 11.50
CA TRP A 182 36.12 -8.33 11.74
C TRP A 182 35.59 -8.91 10.42
N PHE A 183 34.88 -8.09 9.63
CA PHE A 183 34.27 -8.49 8.33
C PHE A 183 35.35 -8.86 7.29
N LEU A 184 36.40 -8.06 7.15
CA LEU A 184 37.57 -8.38 6.27
C LEU A 184 38.15 -9.76 6.62
N ASP A 185 38.39 -10.04 7.92
CA ASP A 185 39.01 -11.29 8.41
C ASP A 185 38.07 -12.45 8.15
N GLU A 186 36.77 -12.23 8.37
CA GLU A 186 35.71 -13.25 8.13
C GLU A 186 35.66 -13.54 6.62
N VAL A 187 35.74 -12.51 5.77
CA VAL A 187 35.83 -12.70 4.30
C VAL A 187 37.12 -13.47 3.95
N LYS A 188 38.30 -13.07 4.44
CA LYS A 188 39.60 -13.78 4.13
C LYS A 188 39.51 -15.26 4.52
N ALA A 189 38.73 -15.62 5.54
CA ALA A 189 38.58 -17.00 6.04
C ALA A 189 37.76 -17.90 5.09
N HIS A 190 37.20 -17.35 4.00
CA HIS A 190 36.28 -18.05 3.07
C HIS A 190 36.67 -17.82 1.60
N PRO A 191 37.84 -18.34 1.17
CA PRO A 191 38.34 -18.04 -0.18
C PRO A 191 37.62 -18.77 -1.34
N LYS A 192 37.20 -20.03 -1.19
CA LYS A 192 36.50 -20.75 -2.29
C LYS A 192 35.13 -20.07 -2.52
N GLU A 193 34.52 -19.53 -1.45
CA GLU A 193 33.09 -19.06 -1.46
C GLU A 193 32.96 -17.53 -1.64
N LEU A 194 33.88 -16.70 -1.15
CA LEU A 194 33.73 -15.21 -1.20
C LEU A 194 34.94 -14.56 -1.86
N LYS A 195 34.70 -13.60 -2.75
CA LYS A 195 35.73 -12.63 -3.25
C LYS A 195 35.26 -11.21 -2.96
N LEU A 196 35.88 -10.52 -2.00
CA LEU A 196 35.63 -9.08 -1.79
C LEU A 196 35.94 -8.37 -3.11
N VAL A 197 35.03 -7.55 -3.66
CA VAL A 197 35.32 -6.70 -4.87
C VAL A 197 35.11 -5.21 -4.59
N GLY A 198 34.66 -4.82 -3.40
CA GLY A 198 34.52 -3.39 -3.09
C GLY A 198 33.76 -3.06 -1.82
N ALA A 199 33.32 -1.82 -1.74
CA ALA A 199 32.75 -1.20 -0.52
C ALA A 199 31.46 -0.48 -0.91
N HIS A 200 30.38 -0.65 -0.14
CA HIS A 200 29.10 0.08 -0.34
C HIS A 200 28.75 0.92 0.89
N CYS A 201 27.98 1.98 0.68
CA CYS A 201 27.30 2.75 1.73
C CYS A 201 26.10 3.45 1.11
N HIS A 202 25.10 3.78 1.93
CA HIS A 202 23.87 4.48 1.50
C HIS A 202 23.78 5.79 2.26
N LEU A 203 23.47 6.86 1.55
CA LEU A 203 23.29 8.21 2.11
C LEU A 203 21.78 8.43 2.20
N GLY A 204 21.35 9.52 2.85
CA GLY A 204 19.97 10.05 2.81
C GLY A 204 19.30 9.78 1.46
N SER A 205 17.98 9.57 1.50
CA SER A 205 17.11 9.25 0.34
C SER A 205 17.19 10.35 -0.72
N THR A 206 17.22 11.62 -0.29
CA THR A 206 17.33 12.84 -1.14
C THR A 206 18.61 13.62 -0.77
N ILE A 207 19.66 13.49 -1.59
CA ILE A 207 20.89 14.33 -1.56
C ILE A 207 20.53 15.72 -2.10
N THR A 208 20.74 16.76 -1.30
CA THR A 208 20.49 18.18 -1.68
C THR A 208 21.84 18.89 -1.87
N LYS A 209 22.82 18.58 -1.02
CA LYS A 209 24.20 19.12 -1.05
C LYS A 209 25.10 18.09 -1.75
N VAL A 210 25.87 18.49 -2.76
CA VAL A 210 26.87 17.61 -3.44
C VAL A 210 27.97 17.23 -2.45
N ASP A 211 28.31 18.12 -1.51
CA ASP A 211 29.37 17.94 -0.48
C ASP A 211 29.19 16.66 0.33
N ILE A 212 27.94 16.24 0.63
CA ILE A 212 27.68 14.98 1.40
C ILE A 212 28.13 13.75 0.59
N PHE A 213 28.01 13.81 -0.74
CA PHE A 213 28.51 12.76 -1.68
C PHE A 213 30.05 12.77 -1.71
N ARG A 214 30.66 13.92 -1.96
CA ARG A 214 32.12 14.15 -1.95
C ARG A 214 32.76 13.54 -0.69
N ASP A 215 32.21 13.83 0.48
CA ASP A 215 32.77 13.47 1.80
C ASP A 215 32.68 11.96 2.02
N ALA A 216 31.56 11.34 1.66
CA ALA A 216 31.32 9.89 1.73
C ALA A 216 32.33 9.17 0.83
N ALA A 217 32.44 9.61 -0.43
CA ALA A 217 33.49 9.20 -1.39
C ALA A 217 34.87 9.33 -0.74
N VAL A 218 35.27 10.52 -0.27
CA VAL A 218 36.64 10.73 0.31
C VAL A 218 36.91 9.68 1.41
N LEU A 219 35.95 9.47 2.30
CA LEU A 219 36.06 8.52 3.44
C LEU A 219 36.26 7.11 2.86
N MET A 220 35.38 6.66 1.97
CA MET A 220 35.42 5.26 1.46
C MET A 220 36.71 4.98 0.69
N ILE A 221 37.30 5.98 0.02
CA ILE A 221 38.58 5.83 -0.75
C ILE A 221 39.71 5.55 0.24
N GLU A 222 39.75 6.23 1.39
CA GLU A 222 40.73 5.94 2.47
C GLU A 222 40.54 4.51 2.98
N TYR A 223 39.31 4.03 3.08
CA TYR A 223 39.02 2.66 3.60
C TYR A 223 39.49 1.63 2.56
N ILE A 224 39.05 1.80 1.31
CA ILE A 224 39.47 0.98 0.15
C ILE A 224 41.00 1.00 0.04
N ASP A 225 41.68 2.13 0.21
CA ASP A 225 43.16 2.15 0.20
C ASP A 225 43.68 1.12 1.22
N GLU A 226 43.18 1.17 2.45
CA GLU A 226 43.59 0.28 3.56
C GLU A 226 43.19 -1.18 3.25
N ILE A 227 42.00 -1.37 2.69
CA ILE A 227 41.53 -2.73 2.28
C ILE A 227 42.51 -3.29 1.22
N ARG A 228 43.02 -2.42 0.35
CA ARG A 228 43.95 -2.80 -0.73
C ARG A 228 45.33 -3.08 -0.11
N ARG A 229 45.76 -2.26 0.85
CA ARG A 229 46.98 -2.49 1.66
C ARG A 229 46.93 -3.87 2.35
N GLN A 230 45.76 -4.36 2.78
CA GLN A 230 45.61 -5.67 3.50
C GLN A 230 45.46 -6.87 2.54
N GLY A 231 45.69 -6.71 1.24
CA GLY A 231 45.78 -7.87 0.32
C GLY A 231 44.54 -8.20 -0.46
N PHE A 232 43.51 -7.35 -0.43
CA PHE A 232 42.24 -7.56 -1.17
C PHE A 232 42.28 -6.84 -2.52
N GLU A 233 41.73 -7.47 -3.58
CA GLU A 233 41.57 -6.93 -4.97
C GLU A 233 40.19 -6.27 -5.08
N VAL A 234 40.13 -5.01 -4.69
CA VAL A 234 38.92 -4.15 -4.63
C VAL A 234 38.88 -3.27 -5.87
N SER A 235 37.79 -3.35 -6.63
CA SER A 235 37.60 -2.63 -7.92
C SER A 235 36.39 -1.68 -7.86
N TYR A 236 35.47 -1.83 -6.90
CA TYR A 236 34.13 -1.18 -6.96
C TYR A 236 33.83 -0.30 -5.74
N LEU A 237 33.22 0.84 -5.99
CA LEU A 237 32.78 1.80 -4.94
C LEU A 237 31.30 2.10 -5.22
N ASN A 238 30.41 1.56 -4.38
CA ASN A 238 28.94 1.67 -4.55
C ASN A 238 28.43 2.73 -3.57
N ILE A 239 28.23 3.98 -4.03
CA ILE A 239 27.75 5.11 -3.17
C ILE A 239 26.29 5.34 -3.52
N GLY A 240 25.40 4.70 -2.79
CA GLY A 240 23.95 4.78 -3.03
C GLY A 240 23.41 6.07 -2.47
N GLY A 241 22.57 6.75 -3.25
CA GLY A 241 21.97 8.06 -2.90
C GLY A 241 21.46 8.69 -4.18
N GLY A 242 20.27 9.26 -4.14
CA GLY A 242 19.68 9.99 -5.28
C GLY A 242 19.85 11.49 -5.13
N LEU A 243 19.93 12.19 -6.25
CA LEU A 243 19.70 13.66 -6.33
C LEU A 243 18.21 13.96 -6.08
N GLY A 244 17.91 15.21 -5.69
CA GLY A 244 16.54 15.71 -5.42
C GLY A 244 15.71 15.89 -6.68
N ILE A 245 14.39 15.77 -6.54
CA ILE A 245 13.37 16.11 -7.58
C ILE A 245 12.63 17.35 -7.09
N ASP A 246 12.45 18.35 -7.95
CA ASP A 246 11.55 19.52 -7.70
C ASP A 246 10.11 19.02 -7.84
N TYR A 247 9.51 18.64 -6.72
CA TYR A 247 8.12 18.09 -6.65
C TYR A 247 7.11 19.25 -6.70
N TYR A 248 7.52 20.49 -6.36
CA TYR A 248 6.65 21.70 -6.30
C TYR A 248 6.66 22.47 -7.64
N HIS A 249 7.49 22.09 -8.61
CA HIS A 249 7.65 22.82 -9.89
C HIS A 249 7.71 24.33 -9.60
N ALA A 250 8.46 24.71 -8.55
CA ALA A 250 8.77 26.09 -8.14
C ALA A 250 10.03 26.57 -8.88
N GLY A 251 10.63 25.72 -9.70
CA GLY A 251 11.84 26.01 -10.51
C GLY A 251 13.06 26.21 -9.64
N ALA A 252 13.20 25.44 -8.55
CA ALA A 252 14.19 25.63 -7.47
C ALA A 252 15.62 25.41 -7.98
N VAL A 253 16.59 25.56 -7.09
CA VAL A 253 18.04 25.22 -7.29
C VAL A 253 18.20 23.73 -6.94
N LEU A 254 18.67 22.93 -7.90
CA LEU A 254 19.01 21.49 -7.70
C LEU A 254 20.37 21.21 -8.36
N PRO A 255 21.35 20.57 -7.67
CA PRO A 255 22.59 20.12 -8.32
C PRO A 255 22.31 19.06 -9.39
N THR A 256 23.03 19.13 -10.51
CA THR A 256 22.89 18.25 -11.69
C THR A 256 23.75 17.01 -11.47
N PRO A 257 23.58 15.92 -12.27
CA PRO A 257 24.48 14.76 -12.21
C PRO A 257 25.96 15.12 -12.43
N MET A 258 26.25 16.01 -13.39
CA MET A 258 27.60 16.55 -13.64
C MET A 258 28.18 17.14 -12.35
N ASP A 259 27.44 17.97 -11.62
CA ASP A 259 28.00 18.64 -10.41
C ASP A 259 28.40 17.56 -9.41
N LEU A 260 27.55 16.55 -9.24
CA LEU A 260 27.73 15.44 -8.27
C LEU A 260 29.02 14.70 -8.61
N ILE A 261 29.11 14.21 -9.85
CA ILE A 261 30.20 13.30 -10.26
C ILE A 261 31.50 14.10 -10.40
N ASN A 262 31.41 15.39 -10.72
CA ASN A 262 32.57 16.33 -10.72
C ASN A 262 33.28 16.32 -9.35
N THR A 263 32.60 15.98 -8.26
CA THR A 263 33.21 16.09 -6.91
C THR A 263 34.13 14.91 -6.61
N VAL A 264 33.93 13.73 -7.25
CA VAL A 264 34.67 12.46 -6.92
C VAL A 264 35.54 12.01 -8.12
N ARG A 265 35.38 12.64 -9.28
CA ARG A 265 35.89 12.14 -10.58
C ARG A 265 37.39 11.88 -10.47
N GLU A 266 38.12 12.83 -9.91
CA GLU A 266 39.61 12.86 -9.92
C GLU A 266 40.18 11.88 -8.88
N LEU A 267 39.53 11.76 -7.73
CA LEU A 267 39.96 10.80 -6.69
C LEU A 267 39.66 9.37 -7.16
N VAL A 268 38.55 9.16 -7.86
CA VAL A 268 38.10 7.80 -8.33
C VAL A 268 39.00 7.33 -9.49
N LEU A 269 39.41 8.27 -10.37
CA LEU A 269 40.34 8.01 -11.49
C LEU A 269 41.75 7.68 -10.94
N SER A 270 42.20 8.41 -9.92
CA SER A 270 43.52 8.22 -9.25
C SER A 270 43.64 6.80 -8.71
N ARG A 271 42.54 6.16 -8.32
CA ARG A 271 42.53 4.80 -7.68
C ARG A 271 42.06 3.68 -8.62
N ASP A 272 41.58 4.06 -9.81
CA ASP A 272 41.06 3.15 -10.86
C ASP A 272 39.84 2.40 -10.28
N LEU A 273 38.96 3.11 -9.58
CA LEU A 273 37.72 2.48 -9.06
C LEU A 273 36.60 2.59 -10.08
N ASN A 274 35.75 1.57 -10.10
CA ASN A 274 34.46 1.55 -10.82
C ASN A 274 33.34 1.95 -9.84
N LEU A 275 32.74 3.12 -10.09
CA LEU A 275 31.78 3.82 -9.19
C LEU A 275 30.37 3.39 -9.56
N ILE A 276 29.71 2.66 -8.67
CA ILE A 276 28.29 2.26 -8.85
C ILE A 276 27.47 3.31 -8.12
N ILE A 277 26.81 4.19 -8.88
CA ILE A 277 25.79 5.13 -8.35
C ILE A 277 24.40 4.49 -8.49
N GLU A 278 23.47 4.89 -7.63
CA GLU A 278 22.06 4.43 -7.63
C GLU A 278 21.14 5.65 -7.74
N PRO A 279 20.85 6.14 -8.97
CA PRO A 279 19.93 7.27 -9.15
C PRO A 279 18.48 6.89 -9.52
N GLY A 280 17.99 5.73 -9.05
CA GLY A 280 16.69 5.15 -9.44
C GLY A 280 15.55 6.18 -9.48
N ARG A 281 15.43 7.03 -8.46
CA ARG A 281 14.30 7.98 -8.31
C ARG A 281 14.48 9.10 -9.34
N SER A 282 15.63 9.77 -9.29
CA SER A 282 16.07 10.82 -10.24
C SER A 282 15.89 10.35 -11.71
N LEU A 283 15.84 9.04 -11.97
CA LEU A 283 15.79 8.51 -13.37
C LEU A 283 14.39 8.40 -13.95
N ILE A 284 13.35 8.03 -13.17
CA ILE A 284 12.00 7.64 -13.68
C ILE A 284 10.89 8.53 -13.08
N ALA A 285 11.12 9.22 -11.94
CA ALA A 285 10.08 9.89 -11.12
C ALA A 285 9.38 11.01 -11.91
N ASN A 286 10.14 11.89 -12.54
CA ASN A 286 9.59 13.09 -13.24
C ASN A 286 9.24 12.74 -14.68
N THR A 287 9.15 11.46 -15.05
CA THR A 287 8.81 11.04 -16.43
C THR A 287 7.32 10.70 -16.56
N CYS A 288 6.57 10.79 -15.46
CA CYS A 288 5.31 10.04 -15.35
C CYS A 288 4.24 10.87 -14.65
N CYS A 289 3.03 10.80 -15.19
CA CYS A 289 1.79 11.42 -14.65
C CYS A 289 0.79 10.30 -14.38
N PHE A 290 0.12 10.36 -13.24
CA PHE A 290 -1.12 9.59 -12.95
C PHE A 290 -2.28 10.40 -13.49
N VAL A 291 -2.96 9.86 -14.48
CA VAL A 291 -4.03 10.57 -15.20
C VAL A 291 -5.38 10.02 -14.72
N ASN A 292 -6.26 10.93 -14.35
CA ASN A 292 -7.58 10.64 -13.76
C ASN A 292 -8.66 11.39 -14.54
N HIS A 293 -9.90 10.95 -14.36
CA HIS A 293 -11.17 11.65 -14.68
C HIS A 293 -11.79 12.17 -13.38
N VAL A 294 -12.19 13.45 -13.37
CA VAL A 294 -12.97 14.07 -12.26
C VAL A 294 -14.37 13.44 -12.25
N THR A 295 -14.76 12.81 -11.12
CA THR A 295 -16.09 12.17 -10.92
C THR A 295 -17.11 13.25 -10.56
N GLY A 296 -16.69 14.18 -9.70
CA GLY A 296 -17.49 15.35 -9.30
C GLY A 296 -16.80 16.22 -8.27
N VAL A 297 -17.42 17.38 -8.00
CA VAL A 297 -17.00 18.38 -7.00
C VAL A 297 -18.09 18.44 -5.90
N LYS A 298 -17.71 18.30 -4.62
CA LYS A 298 -18.59 18.48 -3.44
C LYS A 298 -17.91 19.41 -2.44
N THR A 299 -18.60 19.75 -1.36
CA THR A 299 -18.13 20.59 -0.21
C THR A 299 -18.70 20.00 1.08
N ASN A 300 -17.91 19.99 2.15
CA ASN A 300 -18.35 19.68 3.54
C ASN A 300 -17.75 20.75 4.45
N GLY A 301 -18.58 21.65 4.94
CA GLY A 301 -18.18 22.74 5.88
C GLY A 301 -17.15 23.65 5.24
N THR A 302 -15.90 23.58 5.71
CA THR A 302 -14.79 24.54 5.38
C THR A 302 -14.00 24.08 4.12
N LYS A 303 -14.10 22.81 3.72
CA LYS A 303 -13.25 22.20 2.66
C LYS A 303 -14.07 21.95 1.38
N ASN A 304 -13.44 22.11 0.22
CA ASN A 304 -13.97 21.66 -1.09
C ASN A 304 -13.18 20.43 -1.54
N PHE A 305 -13.83 19.56 -2.33
CA PHE A 305 -13.27 18.29 -2.83
C PHE A 305 -13.50 18.18 -4.34
N ILE A 306 -12.42 17.92 -5.09
CA ILE A 306 -12.48 17.29 -6.45
C ILE A 306 -12.36 15.80 -6.21
N VAL A 307 -13.40 15.05 -6.54
CA VAL A 307 -13.42 13.58 -6.42
C VAL A 307 -13.08 13.03 -7.80
N ILE A 308 -12.00 12.23 -7.86
CA ILE A 308 -11.47 11.58 -9.09
C ILE A 308 -11.69 10.06 -8.99
N ASP A 309 -11.46 9.35 -10.09
CA ASP A 309 -11.59 7.87 -10.20
C ASP A 309 -10.36 7.19 -9.59
N GLY A 310 -9.18 7.82 -9.65
CA GLY A 310 -7.94 7.27 -9.05
C GLY A 310 -7.97 7.38 -7.53
N SER A 311 -7.05 6.72 -6.83
CA SER A 311 -7.19 6.59 -5.36
C SER A 311 -5.85 6.23 -4.71
N MET A 312 -5.86 6.09 -3.39
CA MET A 312 -4.71 5.58 -2.58
C MET A 312 -4.42 4.12 -2.99
N ALA A 313 -5.37 3.39 -3.59
CA ALA A 313 -5.15 2.02 -4.11
C ALA A 313 -4.13 2.03 -5.26
N GLU A 314 -4.13 3.05 -6.12
CA GLU A 314 -3.17 3.15 -7.26
C GLU A 314 -1.97 4.02 -6.88
N LEU A 315 -2.12 4.95 -5.93
CA LEU A 315 -1.07 5.95 -5.55
C LEU A 315 -1.10 6.28 -4.05
N ILE A 316 -0.35 5.55 -3.23
CA ILE A 316 -0.45 5.68 -1.74
C ILE A 316 0.58 6.68 -1.22
N ARG A 317 1.53 7.09 -2.05
CA ARG A 317 2.74 7.82 -1.64
C ARG A 317 2.38 9.06 -0.82
N PRO A 318 1.43 9.92 -1.27
CA PRO A 318 1.08 11.15 -0.55
C PRO A 318 0.51 10.89 0.86
N SER A 319 -0.25 9.80 0.97
CA SER A 319 -0.90 9.33 2.22
C SER A 319 0.16 8.74 3.15
N LEU A 320 1.02 7.87 2.61
CA LEU A 320 2.00 7.08 3.39
C LEU A 320 3.20 7.96 3.82
N TYR A 321 3.66 8.93 3.01
CA TYR A 321 4.94 9.65 3.24
C TYR A 321 4.72 11.16 3.45
N ASP A 322 3.46 11.61 3.61
CA ASP A 322 3.03 13.04 3.72
C ASP A 322 3.51 13.84 2.50
N ALA A 323 3.43 13.25 1.31
CA ALA A 323 4.26 13.66 0.14
C ALA A 323 3.51 14.62 -0.77
N TYR A 324 4.14 15.72 -1.18
CA TYR A 324 3.52 16.65 -2.13
C TYR A 324 3.84 16.20 -3.54
N GLN A 325 2.83 16.04 -4.38
CA GLN A 325 3.00 15.91 -5.84
C GLN A 325 2.08 16.92 -6.50
N HIS A 326 2.61 17.65 -7.45
CA HIS A 326 1.91 18.75 -8.16
C HIS A 326 0.70 18.15 -8.87
N ILE A 327 -0.42 18.87 -8.87
CA ILE A 327 -1.70 18.47 -9.53
C ILE A 327 -2.17 19.63 -10.41
N GLU A 328 -2.70 19.31 -11.59
CA GLU A 328 -3.30 20.31 -12.52
C GLU A 328 -4.27 19.63 -13.49
N LEU A 329 -5.18 20.40 -14.08
CA LEU A 329 -6.13 19.88 -15.09
C LEU A 329 -5.40 19.74 -16.44
N VAL A 330 -5.91 18.87 -17.29
CA VAL A 330 -5.31 18.44 -18.58
C VAL A 330 -5.74 19.40 -19.71
N SER A 331 -6.92 20.03 -19.57
CA SER A 331 -7.56 20.82 -20.65
C SER A 331 -8.12 22.12 -20.09
N PRO A 332 -8.44 23.12 -20.94
CA PRO A 332 -8.99 24.38 -20.46
C PRO A 332 -10.35 24.16 -19.79
N THR A 333 -10.68 25.09 -18.89
CA THR A 333 -11.89 25.11 -18.04
C THR A 333 -12.89 26.09 -18.66
N PRO A 334 -14.23 25.94 -18.47
CA PRO A 334 -15.17 26.97 -18.92
C PRO A 334 -14.88 28.29 -18.21
N PRO A 335 -15.23 29.45 -18.81
CA PRO A 335 -14.90 30.76 -18.25
C PRO A 335 -15.44 31.01 -16.84
N GLU A 336 -16.64 30.47 -16.56
CA GLU A 336 -17.39 30.71 -15.32
C GLU A 336 -16.80 29.92 -14.13
N ALA A 337 -15.90 28.97 -14.39
CA ALA A 337 -15.40 28.04 -13.35
C ALA A 337 -14.66 28.82 -12.27
N GLU A 338 -15.11 28.64 -11.02
CA GLU A 338 -14.52 29.21 -9.78
C GLU A 338 -13.10 28.69 -9.62
N VAL A 339 -12.11 29.57 -9.43
CA VAL A 339 -10.76 29.19 -8.93
C VAL A 339 -10.82 29.25 -7.40
N THR A 340 -10.49 28.16 -6.71
CA THR A 340 -10.68 28.06 -5.23
C THR A 340 -9.85 26.87 -4.71
N LYS A 341 -9.68 26.73 -3.40
CA LYS A 341 -8.85 25.64 -2.78
C LYS A 341 -9.64 24.32 -2.80
N PHE A 342 -8.98 23.22 -3.19
CA PHE A 342 -9.55 21.86 -3.15
C PHE A 342 -8.54 20.89 -2.51
N ASP A 343 -9.03 20.00 -1.68
CA ASP A 343 -8.41 18.66 -1.52
C ASP A 343 -8.81 17.85 -2.76
N VAL A 344 -7.93 17.01 -3.27
CA VAL A 344 -8.20 16.10 -4.41
C VAL A 344 -8.26 14.70 -3.82
N VAL A 345 -9.42 14.04 -3.88
CA VAL A 345 -9.60 12.74 -3.21
C VAL A 345 -10.15 11.70 -4.20
N GLY A 346 -9.91 10.43 -3.88
CA GLY A 346 -10.46 9.28 -4.62
C GLY A 346 -11.76 8.84 -4.00
N PRO A 347 -12.37 7.76 -4.53
CA PRO A 347 -13.59 7.20 -3.99
C PRO A 347 -13.46 6.14 -2.87
N VAL A 348 -12.28 5.89 -2.34
CA VAL A 348 -12.04 4.86 -1.29
C VAL A 348 -12.53 5.42 0.06
N CYS A 349 -13.09 4.57 0.92
CA CYS A 349 -14.01 4.95 2.04
C CYS A 349 -13.24 5.32 3.32
N GLU A 350 -12.03 5.89 3.21
CA GLU A 350 -11.34 6.46 4.40
C GLU A 350 -10.59 7.76 4.01
N SER A 351 -10.15 8.54 4.99
CA SER A 351 -9.55 9.90 4.83
C SER A 351 -8.06 9.84 4.45
N ALA A 352 -7.44 8.66 4.54
CA ALA A 352 -6.12 8.34 3.93
C ALA A 352 -6.21 8.47 2.41
N ASP A 353 -7.39 8.27 1.82
CA ASP A 353 -7.56 8.31 0.35
C ASP A 353 -7.55 9.75 -0.14
N PHE A 354 -6.38 10.39 -0.19
CA PHE A 354 -6.20 11.74 -0.77
C PHE A 354 -4.94 11.74 -1.64
N LEU A 355 -4.98 12.47 -2.75
CA LEU A 355 -3.80 12.64 -3.63
C LEU A 355 -3.14 14.00 -3.42
N GLY A 356 -3.86 14.93 -2.81
CA GLY A 356 -3.35 16.28 -2.56
C GLY A 356 -4.30 17.13 -1.73
N LYS A 357 -3.76 18.15 -1.08
CA LYS A 357 -4.50 19.01 -0.14
C LYS A 357 -4.18 20.47 -0.44
N ASP A 358 -5.16 21.37 -0.26
CA ASP A 358 -5.00 22.85 -0.35
C ASP A 358 -4.42 23.20 -1.72
N ARG A 359 -5.11 22.80 -2.80
CA ARG A 359 -4.66 23.03 -4.20
C ARG A 359 -5.60 24.04 -4.89
N GLU A 360 -5.05 25.19 -5.30
CA GLU A 360 -5.77 26.30 -5.98
C GLU A 360 -5.96 25.88 -7.44
N LEU A 361 -7.14 25.37 -7.79
CA LEU A 361 -7.50 24.92 -9.17
C LEU A 361 -8.80 25.56 -9.64
N PRO A 362 -9.02 25.64 -10.96
CA PRO A 362 -10.34 25.99 -11.48
C PRO A 362 -11.27 24.77 -11.23
N THR A 363 -12.57 25.00 -11.12
CA THR A 363 -13.55 23.93 -10.76
C THR A 363 -13.79 23.07 -12.00
N PRO A 364 -13.36 21.80 -11.98
CA PRO A 364 -13.43 20.95 -13.17
C PRO A 364 -14.86 20.55 -13.47
N PRO A 365 -15.30 20.54 -14.75
CA PRO A 365 -16.49 19.75 -15.14
C PRO A 365 -16.28 18.24 -14.92
N GLN A 366 -17.36 17.49 -14.69
CA GLN A 366 -17.37 16.00 -14.68
C GLN A 366 -16.68 15.49 -15.95
N GLY A 367 -15.79 14.51 -15.81
CA GLY A 367 -15.11 13.84 -16.94
C GLY A 367 -13.83 14.57 -17.31
N ALA A 368 -13.55 15.71 -16.70
CA ALA A 368 -12.31 16.47 -17.00
C ALA A 368 -11.09 15.65 -16.57
N GLY A 369 -10.04 15.72 -17.38
CA GLY A 369 -8.72 15.18 -17.06
C GLY A 369 -8.05 15.95 -15.94
N LEU A 370 -7.50 15.20 -15.00
CA LEU A 370 -6.66 15.72 -13.89
C LEU A 370 -5.43 14.80 -13.78
N VAL A 371 -4.25 15.39 -13.58
CA VAL A 371 -2.98 14.66 -13.40
C VAL A 371 -2.41 14.91 -12.02
N VAL A 372 -1.79 13.87 -11.48
CA VAL A 372 -0.78 13.96 -10.42
C VAL A 372 0.59 13.76 -11.06
N HIS A 373 1.46 14.75 -10.93
CA HIS A 373 2.80 14.80 -11.56
C HIS A 373 3.80 13.95 -10.75
N ASP A 374 4.93 13.61 -11.39
CA ASP A 374 6.12 13.01 -10.77
C ASP A 374 5.69 11.74 -10.06
N ALA A 375 4.97 10.88 -10.79
CA ALA A 375 4.38 9.60 -10.31
C ALA A 375 5.10 8.41 -10.95
N GLY A 376 6.39 8.61 -11.25
CA GLY A 376 7.27 7.63 -11.88
C GLY A 376 7.82 6.62 -10.88
N ALA A 377 8.07 7.01 -9.63
CA ALA A 377 8.84 6.22 -8.64
C ALA A 377 8.03 5.96 -7.37
N TYR A 378 7.93 4.69 -6.95
CA TYR A 378 7.24 4.25 -5.71
C TYR A 378 5.75 4.57 -5.82
N CYS A 379 5.17 4.59 -7.03
CA CYS A 379 3.71 4.82 -7.25
C CYS A 379 3.06 3.56 -7.81
N MET A 380 3.32 3.20 -9.05
CA MET A 380 2.71 1.96 -9.59
C MET A 380 3.25 0.75 -8.81
N SER A 381 4.50 0.83 -8.33
CA SER A 381 5.22 -0.33 -7.73
C SER A 381 4.58 -0.68 -6.39
N MET A 382 3.83 0.25 -5.81
CA MET A 382 3.14 0.11 -4.51
C MET A 382 1.64 -0.06 -4.69
N ALA A 383 1.12 -0.13 -5.90
CA ALA A 383 -0.35 -0.20 -6.10
C ALA A 383 -0.87 -1.50 -5.46
N SER A 384 -2.06 -1.42 -4.89
CA SER A 384 -2.85 -2.53 -4.29
C SER A 384 -4.17 -2.60 -5.04
N THR A 385 -5.04 -3.52 -4.63
CA THR A 385 -6.46 -3.61 -5.07
C THR A 385 -7.37 -3.29 -3.88
N TYR A 386 -6.99 -2.34 -3.02
CA TYR A 386 -7.89 -1.87 -1.92
C TYR A 386 -9.24 -1.43 -2.52
N ASN A 387 -10.35 -1.88 -1.91
CA ASN A 387 -11.73 -1.57 -2.33
C ASN A 387 -12.03 -2.25 -3.68
N LEU A 388 -11.24 -3.28 -4.04
CA LEU A 388 -11.22 -3.95 -5.38
C LEU A 388 -11.17 -2.92 -6.53
N LYS A 389 -10.49 -1.77 -6.30
CA LYS A 389 -9.98 -0.89 -7.38
C LYS A 389 -8.85 -1.67 -8.05
N MET A 390 -9.13 -2.35 -9.17
CA MET A 390 -8.14 -3.19 -9.90
C MET A 390 -7.02 -2.29 -10.50
N ARG A 391 -5.81 -2.83 -10.65
CA ARG A 391 -4.60 -2.02 -10.96
C ARG A 391 -4.68 -1.41 -12.37
N PRO A 392 -4.22 -0.16 -12.54
CA PRO A 392 -4.34 0.56 -13.81
C PRO A 392 -3.42 0.03 -14.90
N PRO A 393 -3.76 0.26 -16.19
CA PRO A 393 -2.85 0.01 -17.29
C PRO A 393 -1.82 1.15 -17.36
N GLU A 394 -0.78 0.96 -18.15
CA GLU A 394 0.33 1.94 -18.31
C GLU A 394 0.54 2.21 -19.80
N TYR A 395 0.77 3.47 -20.15
CA TYR A 395 1.04 3.93 -21.53
C TYR A 395 2.34 4.73 -21.51
N TRP A 396 3.06 4.72 -22.62
CA TRP A 396 4.10 5.75 -22.83
C TRP A 396 3.97 6.37 -24.22
N VAL A 397 4.38 7.63 -24.28
CA VAL A 397 4.67 8.40 -25.53
C VAL A 397 6.11 8.12 -25.96
N GLU A 398 6.28 7.69 -27.20
CA GLU A 398 7.60 7.42 -27.82
C GLU A 398 8.22 8.75 -28.30
N GLU A 399 9.45 8.66 -28.83
CA GLU A 399 10.21 9.74 -29.51
C GLU A 399 9.34 10.36 -30.63
N ASP A 400 8.63 9.52 -31.41
CA ASP A 400 7.81 9.94 -32.58
C ASP A 400 6.45 10.53 -32.16
N GLY A 401 6.11 10.59 -30.87
CA GLY A 401 4.81 11.13 -30.39
C GLY A 401 3.70 10.08 -30.33
N SER A 402 3.98 8.84 -30.76
CA SER A 402 3.00 7.70 -30.74
C SER A 402 2.79 7.15 -29.32
N ILE A 403 1.59 6.62 -29.07
CA ILE A 403 1.13 6.11 -27.75
C ILE A 403 1.19 4.60 -27.79
N THR A 404 1.95 3.99 -26.89
CA THR A 404 2.08 2.51 -26.81
C THR A 404 1.73 2.06 -25.40
N LYS A 405 0.99 0.95 -25.31
CA LYS A 405 0.65 0.35 -24.01
C LYS A 405 1.84 -0.49 -23.52
N ILE A 406 2.28 -0.23 -22.28
CA ILE A 406 3.42 -0.92 -21.62
C ILE A 406 2.93 -1.73 -20.42
N ARG A 407 1.64 -1.67 -20.08
CA ARG A 407 1.05 -2.60 -19.10
C ARG A 407 -0.47 -2.73 -19.28
N HIS A 408 -0.98 -3.96 -19.42
CA HIS A 408 -2.42 -4.29 -19.39
C HIS A 408 -3.05 -3.87 -18.07
N ALA A 409 -4.28 -3.38 -18.12
CA ALA A 409 -5.11 -3.14 -16.93
C ALA A 409 -5.41 -4.48 -16.26
N GLU A 410 -5.39 -4.53 -14.93
CA GLU A 410 -5.96 -5.64 -14.14
C GLU A 410 -7.51 -5.66 -14.27
N THR A 411 -8.11 -6.84 -14.35
CA THR A 411 -9.57 -7.04 -14.41
C THR A 411 -10.05 -7.79 -13.16
N PHE A 412 -11.34 -7.67 -12.83
CA PHE A 412 -12.01 -8.39 -11.72
C PHE A 412 -11.70 -9.90 -11.77
N ASP A 413 -11.64 -10.52 -12.96
CA ASP A 413 -11.45 -11.99 -13.07
C ASP A 413 -10.06 -12.36 -12.52
N ASP A 414 -9.15 -11.38 -12.43
CA ASP A 414 -7.80 -11.51 -11.82
C ASP A 414 -7.97 -11.77 -10.32
N HIS A 415 -8.82 -11.01 -9.62
CA HIS A 415 -9.16 -11.24 -8.19
C HIS A 415 -9.79 -12.63 -8.03
N LEU A 416 -10.66 -13.05 -8.96
CA LEU A 416 -11.48 -14.29 -8.85
C LEU A 416 -10.57 -15.51 -9.03
N ARG A 417 -9.46 -15.36 -9.74
CA ARG A 417 -8.54 -16.49 -10.05
C ARG A 417 -7.89 -17.03 -8.76
N PHE A 418 -7.82 -16.22 -7.68
CA PHE A 418 -7.18 -16.63 -6.40
C PHE A 418 -8.02 -17.67 -5.65
N PHE A 419 -9.33 -17.75 -5.95
CA PHE A 419 -10.34 -18.65 -5.34
C PHE A 419 -10.76 -19.81 -6.25
N GLU A 420 -10.24 -19.95 -7.46
CA GLU A 420 -10.61 -21.07 -8.39
C GLU A 420 -10.36 -22.43 -7.73
N GLY A 421 -11.40 -23.26 -7.67
CA GLY A 421 -11.34 -24.65 -7.17
C GLY A 421 -11.11 -24.73 -5.67
N LEU A 422 -11.47 -23.69 -4.89
CA LEU A 422 -11.22 -23.61 -3.43
C LEU A 422 -12.55 -23.55 -2.66
N PHE B 1 -7.84 -13.39 28.83
CA PHE B 1 -7.93 -12.98 27.39
C PHE B 1 -8.82 -13.99 26.64
N ASP B 2 -9.95 -13.50 26.14
CA ASP B 2 -10.78 -14.16 25.11
C ASP B 2 -10.08 -13.97 23.75
N HIS B 3 -9.65 -15.05 23.08
CA HIS B 3 -8.96 -15.01 21.76
C HIS B 3 -8.75 -16.42 21.18
N CYS B 4 -8.96 -16.58 19.88
CA CYS B 4 -8.83 -17.88 19.16
C CYS B 4 -7.35 -18.31 19.01
N PHE B 5 -6.39 -17.39 19.20
CA PHE B 5 -4.94 -17.66 19.07
C PHE B 5 -4.30 -17.60 20.45
N LYS B 6 -3.86 -18.75 20.98
CA LYS B 6 -3.45 -18.87 22.40
C LYS B 6 -2.11 -19.62 22.52
N LYS B 7 -1.24 -19.09 23.38
CA LYS B 7 0.07 -19.68 23.75
C LYS B 7 -0.16 -20.64 24.92
N SER B 8 -0.05 -21.96 24.71
CA SER B 8 -0.13 -23.01 25.75
C SER B 8 0.90 -22.70 26.85
N SER B 9 0.90 -23.50 27.93
CA SER B 9 1.91 -23.43 29.02
C SER B 9 3.28 -23.85 28.48
N ASP B 10 3.29 -24.92 27.67
CA ASP B 10 4.40 -25.43 26.82
C ASP B 10 5.12 -24.33 26.03
N GLY B 11 4.46 -23.21 25.73
CA GLY B 11 5.03 -22.10 24.92
C GLY B 11 4.79 -22.25 23.42
N PHE B 12 3.95 -23.22 22.98
CA PHE B 12 3.45 -23.36 21.59
C PHE B 12 2.22 -22.49 21.36
N LEU B 13 2.21 -21.72 20.26
CA LEU B 13 1.02 -20.95 19.80
C LEU B 13 0.05 -21.91 19.12
N TYR B 14 -1.23 -21.81 19.49
CA TYR B 14 -2.35 -22.58 18.88
C TYR B 14 -3.36 -21.64 18.22
N CYS B 15 -3.96 -22.12 17.15
CA CYS B 15 -5.14 -21.55 16.48
C CYS B 15 -6.27 -22.54 16.71
N GLU B 16 -7.25 -22.19 17.55
CA GLU B 16 -8.17 -23.16 18.19
C GLU B 16 -7.30 -24.17 18.94
N GLY B 17 -7.40 -25.47 18.60
CA GLY B 17 -6.64 -26.60 19.20
C GLY B 17 -5.50 -27.09 18.33
N THR B 18 -5.24 -26.38 17.22
CA THR B 18 -4.20 -26.76 16.23
C THR B 18 -2.94 -25.91 16.44
N LYS B 19 -1.78 -26.57 16.50
CA LYS B 19 -0.44 -25.97 16.76
C LYS B 19 0.04 -25.27 15.46
N VAL B 20 0.37 -23.98 15.53
CA VAL B 20 0.73 -23.18 14.32
C VAL B 20 2.03 -23.72 13.71
N GLN B 21 3.04 -24.09 14.52
CA GLN B 21 4.26 -24.86 14.09
C GLN B 21 3.86 -25.99 13.13
N ASP B 22 2.87 -26.80 13.51
CA ASP B 22 2.42 -27.95 12.69
C ASP B 22 1.92 -27.44 11.33
N ILE B 23 1.20 -26.33 11.25
CA ILE B 23 0.62 -25.86 9.96
C ILE B 23 1.77 -25.30 9.13
N MET B 24 2.67 -24.56 9.78
CA MET B 24 3.85 -23.91 9.17
C MET B 24 4.68 -25.00 8.47
N GLU B 25 4.66 -26.23 8.98
CA GLU B 25 5.53 -27.31 8.45
C GLU B 25 4.84 -28.04 7.29
N THR B 26 3.50 -27.96 7.17
CA THR B 26 2.70 -28.59 6.07
C THR B 26 2.44 -27.61 4.92
N VAL B 27 2.97 -26.37 4.94
CA VAL B 27 2.76 -25.30 3.90
C VAL B 27 4.09 -24.69 3.43
N GLU B 28 4.10 -24.10 2.24
CA GLU B 28 5.29 -23.45 1.61
C GLU B 28 5.92 -22.50 2.64
N LYS B 29 7.24 -22.53 2.77
CA LYS B 29 8.02 -21.69 3.72
C LYS B 29 8.09 -20.26 3.13
N ARG B 30 6.92 -19.63 2.93
CA ARG B 30 6.73 -18.19 2.66
C ARG B 30 5.61 -17.69 3.57
N PRO B 31 5.47 -16.35 3.79
CA PRO B 31 4.45 -15.83 4.68
C PRO B 31 3.04 -16.28 4.26
N PHE B 32 2.14 -16.52 5.22
CA PHE B 32 0.72 -16.79 4.93
C PHE B 32 -0.14 -16.10 6.00
N TYR B 33 -1.40 -15.82 5.66
CA TYR B 33 -2.47 -15.39 6.58
C TYR B 33 -3.25 -16.65 7.00
N LEU B 34 -3.39 -16.87 8.32
CA LEU B 34 -4.12 -18.03 8.88
C LEU B 34 -5.34 -17.53 9.64
N TYR B 35 -6.53 -18.03 9.31
CA TYR B 35 -7.81 -17.69 10.00
C TYR B 35 -8.31 -18.88 10.83
N SER B 36 -9.04 -18.56 11.91
CA SER B 36 -9.98 -19.49 12.58
C SER B 36 -11.39 -19.30 12.02
N LYS B 37 -11.94 -20.30 11.31
CA LYS B 37 -13.35 -20.24 10.85
C LYS B 37 -14.28 -20.11 12.07
N PRO B 38 -14.10 -20.90 13.15
CA PRO B 38 -14.93 -20.76 14.34
C PRO B 38 -14.95 -19.33 14.90
N GLN B 39 -13.81 -18.62 14.90
CA GLN B 39 -13.82 -17.25 15.48
C GLN B 39 -14.68 -16.34 14.60
N ILE B 40 -14.83 -16.65 13.31
CA ILE B 40 -15.70 -15.87 12.37
C ILE B 40 -17.14 -16.05 12.83
N THR B 41 -17.58 -17.30 12.98
CA THR B 41 -18.90 -17.63 13.53
C THR B 41 -19.10 -16.91 14.87
N ARG B 42 -18.17 -17.02 15.81
CA ARG B 42 -18.37 -16.43 17.16
C ARG B 42 -18.60 -14.92 17.02
N ASN B 43 -17.88 -14.26 16.12
CA ASN B 43 -17.91 -12.77 16.02
C ASN B 43 -19.29 -12.35 15.49
N LEU B 44 -19.83 -13.07 14.52
CA LEU B 44 -21.15 -12.72 13.99
C LEU B 44 -22.22 -12.98 15.07
N GLU B 45 -22.18 -14.16 15.70
CA GLU B 45 -23.18 -14.57 16.72
C GLU B 45 -23.25 -13.54 17.84
N ALA B 46 -22.17 -12.84 18.17
CA ALA B 46 -22.22 -11.78 19.20
C ALA B 46 -23.14 -10.65 18.70
N TYR B 47 -22.98 -10.20 17.46
CA TYR B 47 -23.86 -9.16 16.85
C TYR B 47 -25.29 -9.71 16.74
N LYS B 48 -25.48 -10.92 16.26
CA LYS B 48 -26.84 -11.46 16.03
C LYS B 48 -27.59 -11.46 17.38
N GLU B 49 -26.95 -11.98 18.43
CA GLU B 49 -27.47 -12.03 19.82
C GLU B 49 -27.70 -10.60 20.33
N ALA B 50 -26.82 -9.65 20.00
CA ALA B 50 -26.96 -8.23 20.42
C ALA B 50 -28.19 -7.58 19.78
N LEU B 51 -28.62 -8.06 18.60
CA LEU B 51 -29.66 -7.40 17.77
C LEU B 51 -30.99 -8.15 17.91
N GLU B 52 -31.06 -9.13 18.81
CA GLU B 52 -32.35 -9.82 19.14
C GLU B 52 -33.36 -8.77 19.58
N GLY B 53 -34.55 -8.81 18.96
CA GLY B 53 -35.66 -7.91 19.30
C GLY B 53 -35.68 -6.65 18.44
N VAL B 54 -34.57 -6.32 17.77
CA VAL B 54 -34.46 -5.18 16.81
C VAL B 54 -34.47 -5.73 15.39
N ARG B 55 -35.38 -5.25 14.53
CA ARG B 55 -35.34 -5.52 13.06
C ARG B 55 -34.06 -4.87 12.54
N SER B 56 -33.20 -5.65 11.88
CA SER B 56 -31.77 -5.28 11.68
C SER B 56 -31.17 -5.96 10.45
N VAL B 57 -30.21 -5.27 9.81
CA VAL B 57 -29.24 -5.86 8.84
C VAL B 57 -27.85 -5.67 9.41
N ILE B 58 -27.12 -6.77 9.57
CA ILE B 58 -25.67 -6.80 9.89
C ILE B 58 -24.92 -6.73 8.56
N GLY B 59 -24.44 -5.54 8.23
CA GLY B 59 -23.66 -5.33 6.99
C GLY B 59 -22.20 -5.57 7.21
N TYR B 60 -21.69 -6.73 6.80
CA TYR B 60 -20.23 -6.99 6.68
C TYR B 60 -19.60 -6.01 5.68
N ALA B 61 -18.70 -5.13 6.14
CA ALA B 61 -17.86 -4.24 5.29
C ALA B 61 -16.85 -5.09 4.53
N ILE B 62 -17.10 -5.32 3.24
CA ILE B 62 -16.32 -6.24 2.38
C ILE B 62 -14.93 -5.63 2.16
N LYS B 63 -14.82 -4.31 2.30
CA LYS B 63 -13.55 -3.56 2.22
C LYS B 63 -12.53 -4.14 3.19
N ALA B 64 -12.97 -4.67 4.34
CA ALA B 64 -12.07 -5.15 5.43
C ALA B 64 -11.39 -6.45 5.01
N ASN B 65 -12.05 -7.28 4.21
CA ASN B 65 -11.52 -8.59 3.75
C ASN B 65 -12.41 -9.16 2.66
N ASN B 66 -11.86 -9.39 1.48
CA ASN B 66 -12.63 -9.75 0.25
C ASN B 66 -12.35 -11.21 -0.15
N ASN B 67 -11.91 -12.04 0.80
CA ASN B 67 -11.73 -13.49 0.55
C ASN B 67 -13.11 -14.08 0.26
N LEU B 68 -13.27 -14.73 -0.90
CA LEU B 68 -14.57 -15.30 -1.35
C LEU B 68 -15.05 -16.36 -0.36
N LYS B 69 -14.16 -17.17 0.21
CA LYS B 69 -14.62 -18.26 1.13
C LYS B 69 -15.20 -17.60 2.38
N ILE B 70 -14.59 -16.51 2.85
CA ILE B 70 -15.02 -15.82 4.10
C ILE B 70 -16.38 -15.14 3.87
N LEU B 71 -16.58 -14.46 2.74
CA LEU B 71 -17.89 -13.89 2.33
C LEU B 71 -18.94 -14.99 2.26
N GLU B 72 -18.61 -16.13 1.66
CA GLU B 72 -19.59 -17.22 1.50
C GLU B 72 -20.05 -17.63 2.90
N HIS B 73 -19.14 -17.68 3.87
CA HIS B 73 -19.44 -18.15 5.24
C HIS B 73 -20.29 -17.10 5.98
N LEU B 74 -19.87 -15.84 5.94
CA LEU B 74 -20.66 -14.76 6.59
C LEU B 74 -22.08 -14.75 5.99
N ARG B 75 -22.23 -14.97 4.68
CA ARG B 75 -23.54 -14.87 4.00
C ARG B 75 -24.44 -16.04 4.46
N SER B 76 -23.86 -17.20 4.75
CA SER B 76 -24.61 -18.41 5.16
C SER B 76 -25.18 -18.22 6.58
N LEU B 77 -24.62 -17.30 7.36
CA LEU B 77 -25.05 -17.00 8.74
C LEU B 77 -25.97 -15.78 8.79
N GLY B 78 -26.44 -15.28 7.65
CA GLY B 78 -27.53 -14.29 7.56
C GLY B 78 -27.00 -12.88 7.50
N CYS B 79 -25.70 -12.76 7.25
CA CYS B 79 -25.00 -11.46 7.14
C CYS B 79 -25.43 -10.69 5.89
N GLY B 80 -25.41 -9.37 5.99
CA GLY B 80 -25.55 -8.48 4.82
C GLY B 80 -24.21 -7.98 4.35
N ALA B 81 -24.18 -7.34 3.19
CA ALA B 81 -22.94 -6.84 2.55
C ALA B 81 -23.01 -5.32 2.40
N VAL B 82 -22.06 -4.61 3.00
CA VAL B 82 -21.73 -3.20 2.70
C VAL B 82 -20.64 -3.16 1.61
N LEU B 83 -20.77 -2.26 0.63
CA LEU B 83 -20.05 -2.27 -0.67
C LEU B 83 -19.59 -0.85 -1.00
N VAL B 84 -18.32 -0.64 -1.33
CA VAL B 84 -17.77 0.72 -1.67
C VAL B 84 -17.40 0.79 -3.16
N SER B 85 -17.59 -0.28 -3.93
CA SER B 85 -17.27 -0.30 -5.38
C SER B 85 -18.11 -1.36 -6.08
N GLY B 86 -18.19 -1.26 -7.40
CA GLY B 86 -18.94 -2.18 -8.27
C GLY B 86 -18.36 -3.57 -8.24
N ASN B 87 -17.04 -3.70 -8.19
CA ASN B 87 -16.39 -5.03 -8.05
C ASN B 87 -16.79 -5.65 -6.72
N GLU B 88 -16.96 -4.84 -5.66
CA GLU B 88 -17.41 -5.32 -4.34
C GLU B 88 -18.85 -5.86 -4.42
N LEU B 89 -19.77 -5.10 -5.03
CA LEU B 89 -21.11 -5.62 -5.37
C LEU B 89 -20.98 -6.91 -6.18
N ARG B 90 -20.17 -6.94 -7.25
CA ARG B 90 -20.03 -8.14 -8.11
C ARG B 90 -19.68 -9.32 -7.21
N LEU B 91 -18.68 -9.15 -6.34
CA LEU B 91 -18.12 -10.24 -5.48
C LEU B 91 -19.22 -10.67 -4.49
N ALA B 92 -19.94 -9.67 -3.94
CA ALA B 92 -21.07 -9.87 -3.00
C ALA B 92 -22.14 -10.73 -3.65
N LEU B 93 -22.44 -10.54 -4.94
CA LEU B 93 -23.42 -11.38 -5.67
C LEU B 93 -22.86 -12.79 -5.91
N LEU B 94 -21.59 -12.97 -6.27
CA LEU B 94 -21.03 -14.33 -6.43
C LEU B 94 -21.03 -15.04 -5.07
N ALA B 95 -20.84 -14.31 -3.97
CA ALA B 95 -20.79 -14.90 -2.62
C ALA B 95 -22.21 -15.33 -2.23
N GLY B 96 -23.22 -14.79 -2.92
CA GLY B 96 -24.62 -15.20 -2.80
C GLY B 96 -25.36 -14.34 -1.78
N PHE B 97 -24.86 -13.14 -1.49
CA PHE B 97 -25.58 -12.12 -0.69
C PHE B 97 -26.93 -11.81 -1.36
N ASP B 98 -27.95 -11.56 -0.54
CA ASP B 98 -29.31 -11.09 -0.91
C ASP B 98 -29.16 -9.61 -1.24
N PRO B 99 -29.54 -9.15 -2.45
CA PRO B 99 -29.42 -7.75 -2.82
C PRO B 99 -30.14 -6.76 -1.88
N THR B 100 -31.22 -7.21 -1.22
CA THR B 100 -32.04 -6.38 -0.31
C THR B 100 -31.38 -6.34 1.07
N LYS B 101 -30.26 -7.03 1.25
CA LYS B 101 -29.39 -6.93 2.46
C LYS B 101 -28.06 -6.26 2.08
N CYS B 102 -27.90 -5.78 0.85
CA CYS B 102 -26.68 -5.05 0.42
C CYS B 102 -26.95 -3.56 0.38
N ILE B 103 -25.93 -2.79 0.74
CA ILE B 103 -25.90 -1.31 0.82
C ILE B 103 -24.62 -0.86 0.11
N PHE B 104 -24.73 0.08 -0.82
CA PHE B 104 -23.60 0.55 -1.67
C PHE B 104 -23.26 1.96 -1.24
N ASN B 105 -22.15 2.15 -0.53
CA ASN B 105 -21.74 3.48 -0.02
C ASN B 105 -20.59 4.00 -0.89
N GLY B 106 -20.30 5.30 -0.82
CA GLY B 106 -19.00 5.88 -1.23
C GLY B 106 -19.16 7.32 -1.64
N ASN B 107 -18.05 8.09 -1.65
CA ASN B 107 -18.03 9.53 -2.03
C ASN B 107 -17.68 9.70 -3.51
N GLY B 108 -17.42 8.62 -4.25
CA GLY B 108 -17.20 8.69 -5.70
C GLY B 108 -17.83 7.54 -6.46
N LYS B 109 -19.10 7.26 -6.23
CA LYS B 109 -19.77 6.12 -6.90
C LYS B 109 -19.86 6.45 -8.41
N SER B 110 -19.19 5.66 -9.25
CA SER B 110 -19.24 5.83 -10.73
C SER B 110 -20.66 5.52 -11.25
N LEU B 111 -21.01 6.12 -12.39
CA LEU B 111 -22.28 5.87 -13.10
C LEU B 111 -22.37 4.38 -13.48
N GLU B 112 -21.31 3.82 -14.05
CA GLU B 112 -21.31 2.38 -14.45
C GLU B 112 -21.66 1.54 -13.21
N ASP B 113 -21.16 1.90 -12.03
CA ASP B 113 -21.36 1.10 -10.80
C ASP B 113 -22.77 1.33 -10.24
N LEU B 114 -23.28 2.56 -10.31
CA LEU B 114 -24.65 2.87 -9.86
C LEU B 114 -25.66 2.14 -10.76
N VAL B 115 -25.32 1.89 -12.00
CA VAL B 115 -26.26 1.20 -12.93
C VAL B 115 -26.40 -0.27 -12.49
N LEU B 116 -25.27 -0.92 -12.18
CA LEU B 116 -25.27 -2.29 -11.59
C LEU B 116 -26.04 -2.26 -10.27
N ALA B 117 -25.83 -1.25 -9.43
CA ALA B 117 -26.47 -1.17 -8.10
C ALA B 117 -28.01 -1.16 -8.29
N ALA B 118 -28.49 -0.31 -9.19
CA ALA B 118 -29.92 -0.11 -9.53
C ALA B 118 -30.53 -1.39 -10.11
N GLN B 119 -29.90 -2.03 -11.11
CA GLN B 119 -30.50 -3.23 -11.77
C GLN B 119 -30.59 -4.37 -10.73
N GLU B 120 -29.73 -4.39 -9.71
CA GLU B 120 -29.69 -5.48 -8.71
C GLU B 120 -30.62 -5.16 -7.53
N GLY B 121 -31.01 -3.89 -7.34
CA GLY B 121 -31.96 -3.44 -6.30
C GLY B 121 -31.33 -3.27 -4.92
N VAL B 122 -30.06 -2.85 -4.85
CA VAL B 122 -29.37 -2.70 -3.55
C VAL B 122 -29.70 -1.31 -3.00
N PHE B 123 -29.58 -1.13 -1.69
CA PHE B 123 -29.62 0.21 -1.06
C PHE B 123 -28.41 0.99 -1.60
N VAL B 124 -28.62 2.27 -1.87
CA VAL B 124 -27.53 3.19 -2.32
C VAL B 124 -27.58 4.40 -1.39
N ASN B 125 -26.51 4.74 -0.67
CA ASN B 125 -26.48 5.99 0.13
C ASN B 125 -26.32 7.17 -0.83
N VAL B 126 -26.49 8.40 -0.33
CA VAL B 126 -26.42 9.69 -1.09
C VAL B 126 -25.48 10.59 -0.30
N ASP B 127 -24.36 10.96 -0.93
CA ASP B 127 -23.19 11.58 -0.27
C ASP B 127 -23.06 13.05 -0.67
N SER B 128 -23.60 13.41 -1.84
CA SER B 128 -23.45 14.75 -2.43
C SER B 128 -24.56 15.02 -3.43
N GLU B 129 -24.66 16.28 -3.84
CA GLU B 129 -25.50 16.77 -4.96
C GLU B 129 -25.14 15.98 -6.26
N PHE B 130 -23.85 15.75 -6.55
CA PHE B 130 -23.45 15.13 -7.86
C PHE B 130 -23.80 13.63 -7.80
N ASP B 131 -23.67 13.06 -6.61
CA ASP B 131 -24.06 11.66 -6.35
C ASP B 131 -25.54 11.48 -6.73
N LEU B 132 -26.41 12.37 -6.22
CA LEU B 132 -27.88 12.31 -6.42
C LEU B 132 -28.22 12.33 -7.92
N ASN B 133 -27.69 13.32 -8.66
CA ASN B 133 -27.83 13.46 -10.15
C ASN B 133 -27.35 12.17 -10.85
N ASN B 134 -26.22 11.60 -10.44
CA ASN B 134 -25.72 10.27 -10.90
C ASN B 134 -26.74 9.16 -10.55
N ILE B 135 -27.21 9.08 -9.31
CA ILE B 135 -28.14 7.99 -8.95
C ILE B 135 -29.41 8.10 -9.81
N VAL B 136 -29.82 9.34 -10.10
CA VAL B 136 -31.00 9.64 -10.96
C VAL B 136 -30.74 9.12 -12.38
N GLU B 137 -29.58 9.40 -12.97
CA GLU B 137 -29.28 8.95 -14.35
C GLU B 137 -29.19 7.42 -14.36
N ALA B 138 -28.63 6.83 -13.30
CA ALA B 138 -28.53 5.37 -13.12
C ALA B 138 -29.92 4.74 -13.15
N SER B 139 -30.85 5.30 -12.39
CA SER B 139 -32.25 4.83 -12.40
C SER B 139 -32.78 4.86 -13.83
N ARG B 140 -32.55 5.96 -14.55
CA ARG B 140 -33.10 6.10 -15.94
C ARG B 140 -32.56 4.95 -16.80
N ILE B 141 -31.24 4.72 -16.76
CA ILE B 141 -30.58 3.70 -17.62
C ILE B 141 -31.08 2.31 -17.18
N SER B 142 -31.12 2.03 -15.87
CA SER B 142 -31.52 0.72 -15.33
C SER B 142 -33.04 0.51 -15.49
N GLY B 143 -33.81 1.60 -15.52
CA GLY B 143 -35.28 1.58 -15.53
C GLY B 143 -35.88 1.07 -14.21
N LYS B 144 -35.08 1.07 -13.14
CA LYS B 144 -35.50 0.62 -11.79
C LYS B 144 -35.41 1.82 -10.86
N GLN B 145 -36.36 1.93 -9.95
CA GLN B 145 -36.30 2.92 -8.85
C GLN B 145 -35.25 2.47 -7.84
N VAL B 146 -34.59 3.43 -7.22
CA VAL B 146 -33.42 3.25 -6.35
C VAL B 146 -33.79 3.65 -4.93
N ASN B 147 -33.79 2.67 -4.04
CA ASN B 147 -33.87 2.89 -2.59
C ASN B 147 -32.60 3.59 -2.13
N VAL B 148 -32.68 4.84 -1.68
CA VAL B 148 -31.51 5.63 -1.22
C VAL B 148 -31.67 5.89 0.28
N LEU B 149 -30.54 6.09 0.96
CA LEU B 149 -30.44 6.64 2.34
C LEU B 149 -29.62 7.93 2.25
N LEU B 150 -30.02 9.00 2.92
CA LEU B 150 -29.17 10.21 2.96
C LEU B 150 -28.03 9.91 3.93
N ARG B 151 -26.79 9.78 3.44
CA ARG B 151 -25.61 9.83 4.34
C ARG B 151 -25.42 11.29 4.79
N ILE B 152 -25.51 11.50 6.10
CA ILE B 152 -25.50 12.83 6.78
C ILE B 152 -24.27 12.91 7.68
N ASN B 153 -23.51 14.00 7.59
CA ASN B 153 -22.39 14.30 8.52
C ASN B 153 -23.00 14.80 9.84
N PRO B 154 -22.90 14.07 10.98
CA PRO B 154 -23.49 14.54 12.24
C PRO B 154 -22.62 15.61 12.93
N ASP B 155 -21.40 15.84 12.41
CA ASP B 155 -20.35 16.76 12.95
C ASP B 155 -19.91 16.27 14.33
N VAL B 156 -19.27 15.08 14.39
CA VAL B 156 -18.91 14.35 15.65
C VAL B 156 -17.42 13.93 15.58
N ASP B 157 -16.53 14.72 16.21
CA ASP B 157 -15.04 14.73 16.02
C ASP B 157 -14.33 14.38 17.34
N GLN B 159 -12.08 11.59 17.97
CA GLN B 159 -11.12 10.94 18.91
C GLN B 159 -10.75 9.54 18.38
N VAL B 160 -9.87 9.49 17.36
CA VAL B 160 -9.58 8.33 16.47
C VAL B 160 -8.52 8.81 15.43
N HIS B 161 -7.74 7.92 14.80
CA HIS B 161 -6.68 8.32 13.81
C HIS B 161 -7.30 9.16 12.69
N PRO B 162 -6.78 10.38 12.37
CA PRO B 162 -7.40 11.27 11.38
C PRO B 162 -7.64 10.70 9.97
N TYR B 163 -6.92 9.63 9.59
CA TYR B 163 -7.00 8.86 8.29
C TYR B 163 -8.18 7.88 8.26
N VAL B 164 -8.91 7.72 9.38
CA VAL B 164 -10.10 6.83 9.53
C VAL B 164 -11.22 7.58 10.29
N ALA B 165 -11.28 8.91 10.16
CA ALA B 165 -12.30 9.81 10.76
C ALA B 165 -13.25 10.31 9.65
N THR B 166 -14.46 9.75 9.60
CA THR B 166 -15.40 9.79 8.45
C THR B 166 -16.70 10.54 8.81
N GLY B 167 -16.92 10.86 10.09
CA GLY B 167 -18.14 11.55 10.58
C GLY B 167 -17.87 12.99 10.95
N ASN B 168 -16.61 13.41 10.90
CA ASN B 168 -16.16 14.72 11.46
C ASN B 168 -16.57 15.81 10.46
N LYS B 169 -16.44 17.07 10.89
CA LYS B 169 -16.86 18.31 10.20
C LYS B 169 -16.45 18.29 8.73
N ASN B 170 -15.15 18.08 8.48
CA ASN B 170 -14.41 18.41 7.23
C ASN B 170 -13.87 17.14 6.56
N SER B 171 -14.49 15.99 6.81
CA SER B 171 -14.28 14.74 6.03
C SER B 171 -14.93 14.91 4.64
N LYS B 172 -14.59 14.00 3.71
CA LYS B 172 -15.08 14.01 2.31
C LYS B 172 -16.40 13.25 2.21
N PHE B 173 -16.99 12.90 3.35
CA PHE B 173 -18.11 11.93 3.47
C PHE B 173 -19.40 12.65 3.89
N GLY B 174 -20.53 12.13 3.41
CA GLY B 174 -21.89 12.61 3.76
C GLY B 174 -22.20 14.01 3.23
N ILE B 175 -23.47 14.43 3.38
CA ILE B 175 -24.00 15.75 2.90
C ILE B 175 -23.67 16.77 3.98
N ARG B 176 -23.76 18.05 3.63
CA ARG B 176 -23.80 19.15 4.62
C ARG B 176 -25.13 19.06 5.38
N ASN B 177 -25.14 19.40 6.67
CA ASN B 177 -26.33 19.40 7.56
C ASN B 177 -27.29 20.54 7.19
N GLU B 178 -26.76 21.76 7.00
CA GLU B 178 -27.51 22.97 6.60
C GLU B 178 -28.16 22.80 5.21
N LYS B 179 -27.84 21.73 4.46
CA LYS B 179 -28.33 21.49 3.08
C LYS B 179 -29.30 20.30 3.06
N LEU B 180 -29.65 19.72 4.22
CA LEU B 180 -30.64 18.60 4.31
C LEU B 180 -31.94 18.89 3.54
N GLN B 181 -32.50 20.10 3.69
CA GLN B 181 -33.77 20.47 3.02
C GLN B 181 -33.60 20.38 1.50
N TRP B 182 -32.50 20.88 0.98
CA TRP B 182 -32.15 20.82 -0.47
C TRP B 182 -32.27 19.36 -0.96
N PHE B 183 -31.78 18.40 -0.19
CA PHE B 183 -31.82 16.96 -0.58
C PHE B 183 -33.26 16.46 -0.53
N LEU B 184 -34.02 16.84 0.49
CA LEU B 184 -35.41 16.35 0.62
C LEU B 184 -36.24 16.88 -0.55
N ASP B 185 -36.00 18.12 -0.99
CA ASP B 185 -36.76 18.77 -2.09
C ASP B 185 -36.45 18.06 -3.41
N GLU B 186 -35.18 17.72 -3.63
CA GLU B 186 -34.67 17.03 -4.84
C GLU B 186 -35.23 15.62 -4.93
N VAL B 187 -35.16 14.87 -3.84
CA VAL B 187 -35.74 13.51 -3.80
C VAL B 187 -37.23 13.58 -4.19
N LYS B 188 -38.00 14.50 -3.58
CA LYS B 188 -39.46 14.70 -3.86
C LYS B 188 -39.65 15.15 -5.33
N ALA B 189 -38.63 15.72 -5.98
CA ALA B 189 -38.65 16.11 -7.41
C ALA B 189 -38.32 14.93 -8.33
N HIS B 190 -37.96 13.76 -7.79
CA HIS B 190 -37.60 12.55 -8.59
C HIS B 190 -38.37 11.30 -8.12
N PRO B 191 -39.72 11.35 -8.07
CA PRO B 191 -40.52 10.20 -7.62
C PRO B 191 -40.37 8.93 -8.48
N LYS B 192 -40.03 9.06 -9.77
CA LYS B 192 -39.80 7.86 -10.63
C LYS B 192 -38.53 7.15 -10.17
N GLU B 193 -37.47 7.92 -9.88
CA GLU B 193 -36.07 7.44 -9.86
C GLU B 193 -35.57 7.17 -8.42
N LEU B 194 -36.02 7.95 -7.43
CA LEU B 194 -35.60 7.81 -6.02
C LEU B 194 -36.81 7.41 -5.16
N LYS B 195 -36.56 6.53 -4.18
CA LYS B 195 -37.43 6.33 -2.98
C LYS B 195 -36.55 6.47 -1.72
N LEU B 196 -36.69 7.59 -0.98
CA LEU B 196 -35.97 7.85 0.29
C LEU B 196 -36.49 6.92 1.38
N VAL B 197 -35.65 6.03 1.89
CA VAL B 197 -36.05 4.97 2.86
C VAL B 197 -35.22 5.10 4.13
N GLY B 198 -34.34 6.08 4.27
CA GLY B 198 -33.53 6.16 5.50
C GLY B 198 -32.44 7.21 5.53
N ALA B 199 -31.78 7.32 6.68
CA ALA B 199 -30.62 8.20 6.92
C ALA B 199 -29.39 7.35 7.33
N HIS B 200 -28.21 7.75 6.89
CA HIS B 200 -26.95 6.98 7.04
C HIS B 200 -25.90 7.87 7.72
N CYS B 201 -25.23 7.36 8.76
CA CYS B 201 -23.95 7.93 9.26
C CYS B 201 -22.95 6.82 9.56
N HIS B 202 -21.67 7.15 9.39
CA HIS B 202 -20.48 6.37 9.82
C HIS B 202 -19.52 7.42 10.39
N LEU B 203 -19.03 7.19 11.61
CA LEU B 203 -18.32 8.20 12.44
C LEU B 203 -16.80 8.00 12.29
N GLY B 204 -16.37 6.76 12.06
CA GLY B 204 -14.97 6.38 11.83
C GLY B 204 -14.74 4.92 12.21
N SER B 205 -13.49 4.61 12.53
CA SER B 205 -12.97 3.23 12.72
C SER B 205 -12.10 3.24 13.99
N THR B 206 -11.94 2.08 14.64
CA THR B 206 -11.21 1.89 15.93
C THR B 206 -11.86 2.71 17.07
N ILE B 207 -13.18 2.87 17.08
CA ILE B 207 -13.91 3.56 18.18
C ILE B 207 -14.08 2.59 19.37
N THR B 208 -13.70 3.06 20.56
CA THR B 208 -13.62 2.26 21.82
C THR B 208 -14.48 2.93 22.91
N LYS B 209 -15.30 3.92 22.54
CA LYS B 209 -16.06 4.81 23.47
C LYS B 209 -17.53 4.84 23.03
N VAL B 210 -18.36 3.90 23.48
CA VAL B 210 -19.75 3.68 22.95
C VAL B 210 -20.66 4.92 23.12
N ASP B 211 -20.30 5.88 23.98
CA ASP B 211 -21.05 7.15 24.16
C ASP B 211 -21.22 7.85 22.80
N ILE B 212 -20.17 7.88 21.99
CA ILE B 212 -20.20 8.60 20.69
C ILE B 212 -21.27 7.98 19.78
N PHE B 213 -21.60 6.69 19.91
CA PHE B 213 -22.66 6.03 19.11
C PHE B 213 -24.03 6.49 19.62
N ARG B 214 -24.19 6.54 20.94
CA ARG B 214 -25.44 7.03 21.60
C ARG B 214 -25.71 8.49 21.18
N ASP B 215 -24.71 9.36 21.23
CA ASP B 215 -24.90 10.81 20.97
C ASP B 215 -25.25 10.99 19.50
N ALA B 216 -24.55 10.26 18.61
CA ALA B 216 -24.83 10.17 17.16
C ALA B 216 -26.27 9.73 16.93
N ALA B 217 -26.67 8.58 17.48
CA ALA B 217 -28.00 7.98 17.22
C ALA B 217 -29.10 9.00 17.55
N VAL B 218 -28.97 9.71 18.66
CA VAL B 218 -29.93 10.77 19.08
C VAL B 218 -30.01 11.84 17.98
N LEU B 219 -28.90 12.34 17.44
CA LEU B 219 -28.95 13.36 16.37
C LEU B 219 -29.61 12.75 15.12
N MET B 220 -29.35 11.48 14.81
CA MET B 220 -29.88 10.81 13.60
C MET B 220 -31.40 10.64 13.74
N ILE B 221 -31.90 10.34 14.95
CA ILE B 221 -33.36 10.20 15.25
C ILE B 221 -34.05 11.57 15.13
N GLU B 222 -33.41 12.67 15.52
CA GLU B 222 -33.95 14.05 15.27
C GLU B 222 -34.17 14.27 13.75
N TYR B 223 -33.26 13.81 12.90
CA TYR B 223 -33.31 14.01 11.43
C TYR B 223 -34.36 13.07 10.82
N ILE B 224 -34.39 11.82 11.27
CA ILE B 224 -35.42 10.84 10.81
C ILE B 224 -36.82 11.34 11.21
N ASP B 225 -36.97 11.92 12.41
CA ASP B 225 -38.25 12.49 12.89
C ASP B 225 -38.68 13.64 11.97
N GLU B 226 -37.75 14.54 11.59
CA GLU B 226 -38.03 15.71 10.71
C GLU B 226 -38.38 15.24 9.30
N ILE B 227 -37.65 14.23 8.80
CA ILE B 227 -37.87 13.64 7.45
C ILE B 227 -39.28 13.04 7.41
N ARG B 228 -39.61 12.19 8.39
CA ARG B 228 -40.97 11.58 8.59
C ARG B 228 -42.07 12.65 8.60
N ARG B 229 -41.84 13.81 9.23
CA ARG B 229 -42.84 14.90 9.36
C ARG B 229 -43.00 15.71 8.07
N GLN B 230 -42.05 15.66 7.14
CA GLN B 230 -42.16 16.25 5.78
C GLN B 230 -42.79 15.22 4.84
N GLY B 231 -43.19 14.05 5.36
CA GLY B 231 -44.09 13.14 4.65
C GLY B 231 -43.33 12.06 3.91
N PHE B 232 -42.08 11.81 4.30
CA PHE B 232 -41.28 10.67 3.78
C PHE B 232 -41.47 9.44 4.65
N GLU B 233 -41.67 8.28 4.00
CA GLU B 233 -41.85 6.94 4.63
C GLU B 233 -40.48 6.32 4.91
N VAL B 234 -39.94 6.49 6.11
CA VAL B 234 -38.57 6.04 6.47
C VAL B 234 -38.65 4.75 7.29
N SER B 235 -38.00 3.69 6.81
CA SER B 235 -37.93 2.34 7.44
C SER B 235 -36.58 2.13 8.16
N TYR B 236 -35.51 2.83 7.77
CA TYR B 236 -34.11 2.40 8.04
C TYR B 236 -33.24 3.52 8.64
N LEU B 237 -32.52 3.16 9.71
CA LEU B 237 -31.35 3.95 10.23
C LEU B 237 -30.08 3.10 10.14
N ASN B 238 -29.06 3.64 9.49
CA ASN B 238 -27.71 3.04 9.30
C ASN B 238 -26.73 3.83 10.17
N ILE B 239 -26.30 3.26 11.30
CA ILE B 239 -25.31 3.89 12.22
C ILE B 239 -23.89 3.51 11.77
N GLY B 240 -23.77 2.55 10.84
CA GLY B 240 -22.51 2.13 10.20
C GLY B 240 -21.75 1.10 11.02
N GLY B 241 -20.43 1.02 10.79
CA GLY B 241 -19.49 0.24 11.62
C GLY B 241 -18.62 1.15 12.49
N GLY B 242 -17.38 0.72 12.76
CA GLY B 242 -16.34 1.50 13.48
C GLY B 242 -16.10 1.02 14.90
N LEU B 243 -16.63 -0.13 15.31
CA LEU B 243 -16.36 -0.64 16.68
C LEU B 243 -14.96 -1.26 16.68
N GLY B 244 -14.15 -0.87 17.68
CA GLY B 244 -12.77 -1.33 17.83
C GLY B 244 -12.69 -2.67 18.53
N ILE B 245 -11.49 -3.21 18.56
CA ILE B 245 -11.14 -4.48 19.26
C ILE B 245 -9.84 -4.27 20.02
N ASP B 246 -9.46 -5.26 20.83
CA ASP B 246 -8.23 -5.21 21.64
C ASP B 246 -7.06 -5.65 20.75
N TYR B 247 -6.14 -4.73 20.46
CA TYR B 247 -4.94 -5.02 19.64
C TYR B 247 -3.76 -5.38 20.58
N TYR B 248 -3.88 -5.20 21.90
CA TYR B 248 -2.75 -5.13 22.86
C TYR B 248 -2.58 -6.42 23.67
N HIS B 249 -3.61 -7.25 23.79
CA HIS B 249 -3.51 -8.69 24.19
C HIS B 249 -3.18 -8.83 25.69
N ALA B 250 -3.51 -7.83 26.51
CA ALA B 250 -3.13 -7.73 27.93
C ALA B 250 -4.36 -7.73 28.86
N GLY B 251 -5.55 -8.09 28.35
CA GLY B 251 -6.79 -8.37 29.13
C GLY B 251 -7.75 -7.19 29.22
N ALA B 252 -7.52 -6.16 28.42
CA ALA B 252 -8.35 -4.93 28.38
C ALA B 252 -9.83 -5.30 28.16
N VAL B 253 -10.73 -4.69 28.95
CA VAL B 253 -12.20 -4.89 28.88
C VAL B 253 -12.75 -3.84 27.89
N LEU B 254 -13.27 -4.28 26.74
CA LEU B 254 -13.73 -3.37 25.65
C LEU B 254 -15.23 -3.51 25.41
N PRO B 255 -15.88 -2.41 24.97
CA PRO B 255 -17.29 -2.43 24.62
C PRO B 255 -17.63 -3.56 23.64
N THR B 256 -18.58 -4.41 24.03
CA THR B 256 -19.10 -5.53 23.21
C THR B 256 -20.12 -5.00 22.21
N PRO B 257 -20.44 -5.79 21.17
CA PRO B 257 -21.61 -5.54 20.32
C PRO B 257 -22.91 -5.29 21.11
N MET B 258 -23.13 -6.01 22.21
CA MET B 258 -24.30 -5.83 23.09
C MET B 258 -24.29 -4.39 23.65
N ASP B 259 -23.16 -3.94 24.20
CA ASP B 259 -23.01 -2.56 24.76
C ASP B 259 -23.38 -1.53 23.71
N LEU B 260 -22.94 -1.74 22.46
CA LEU B 260 -23.12 -0.81 21.33
C LEU B 260 -24.63 -0.72 21.00
N ILE B 261 -25.30 -1.83 20.71
CA ILE B 261 -26.78 -1.89 20.45
C ILE B 261 -27.57 -1.35 21.66
N ASN B 262 -27.21 -1.69 22.90
CA ASN B 262 -27.90 -1.21 24.13
C ASN B 262 -27.91 0.34 24.16
N THR B 263 -27.06 1.04 23.41
CA THR B 263 -26.98 2.52 23.52
C THR B 263 -28.07 3.17 22.64
N VAL B 264 -28.59 2.44 21.65
CA VAL B 264 -29.58 2.95 20.63
C VAL B 264 -30.83 2.04 20.57
N ARG B 265 -30.94 1.03 21.43
CA ARG B 265 -31.97 -0.03 21.32
C ARG B 265 -33.35 0.63 21.51
N GLU B 266 -33.52 1.43 22.55
CA GLU B 266 -34.85 1.94 22.99
C GLU B 266 -35.32 3.07 22.04
N LEU B 267 -34.40 3.93 21.64
CA LEU B 267 -34.63 4.98 20.61
C LEU B 267 -35.06 4.36 19.26
N VAL B 268 -34.40 3.29 18.81
CA VAL B 268 -34.71 2.66 17.50
C VAL B 268 -36.09 1.99 17.62
N LEU B 269 -36.29 1.20 18.67
CA LEU B 269 -37.56 0.47 18.91
C LEU B 269 -38.71 1.48 18.99
N SER B 270 -38.53 2.61 19.69
CA SER B 270 -39.57 3.64 19.90
C SER B 270 -39.99 4.27 18.57
N ARG B 271 -39.14 4.23 17.53
CA ARG B 271 -39.45 4.77 16.20
C ARG B 271 -39.75 3.62 15.23
N ASP B 272 -39.75 2.37 15.71
CA ASP B 272 -40.05 1.21 14.84
C ASP B 272 -39.21 1.34 13.56
N LEU B 273 -37.89 1.40 13.73
CA LEU B 273 -36.85 1.49 12.67
C LEU B 273 -36.13 0.15 12.54
N ASN B 274 -35.95 -0.37 11.33
CA ASN B 274 -34.85 -1.31 11.00
C ASN B 274 -33.50 -0.63 11.33
N LEU B 275 -32.64 -1.28 12.11
CA LEU B 275 -31.25 -0.81 12.31
C LEU B 275 -30.33 -1.53 11.31
N ILE B 276 -29.53 -0.75 10.59
CA ILE B 276 -28.40 -1.28 9.78
C ILE B 276 -27.10 -0.97 10.53
N ILE B 277 -26.31 -2.00 10.85
CA ILE B 277 -24.92 -1.82 11.34
C ILE B 277 -23.97 -2.34 10.27
N GLU B 278 -22.78 -1.77 10.22
CA GLU B 278 -21.83 -2.03 9.11
C GLU B 278 -20.47 -2.45 9.66
N PRO B 279 -20.37 -3.46 10.54
CA PRO B 279 -19.08 -3.86 11.10
C PRO B 279 -18.20 -4.57 10.05
N GLY B 280 -16.92 -4.19 10.03
CA GLY B 280 -15.85 -4.86 9.27
C GLY B 280 -14.88 -5.43 10.26
N ARG B 281 -14.06 -4.54 10.82
CA ARG B 281 -12.98 -4.84 11.78
C ARG B 281 -13.50 -5.78 12.89
N SER B 282 -14.64 -5.45 13.51
CA SER B 282 -15.11 -6.18 14.71
C SER B 282 -15.67 -7.56 14.33
N LEU B 283 -15.94 -7.83 13.06
CA LEU B 283 -16.36 -9.19 12.59
C LEU B 283 -15.15 -10.06 12.18
N ILE B 284 -14.03 -9.49 11.68
CA ILE B 284 -12.99 -10.30 10.95
C ILE B 284 -11.57 -10.11 11.53
N ALA B 285 -11.23 -8.94 12.09
CA ALA B 285 -9.85 -8.60 12.48
C ALA B 285 -9.22 -9.64 13.40
N ASN B 286 -9.93 -10.10 14.43
CA ASN B 286 -9.31 -10.83 15.56
C ASN B 286 -9.25 -12.33 15.25
N THR B 287 -9.50 -12.75 14.00
CA THR B 287 -9.70 -14.17 13.61
C THR B 287 -8.45 -14.72 12.93
N CYS B 288 -7.40 -13.92 12.83
CA CYS B 288 -6.35 -14.09 11.81
C CYS B 288 -4.99 -13.67 12.35
N CYS B 289 -3.99 -14.52 12.09
CA CYS B 289 -2.55 -14.18 12.23
C CYS B 289 -1.88 -14.12 10.85
N PHE B 290 -0.93 -13.17 10.71
CA PHE B 290 0.06 -13.08 9.61
C PHE B 290 1.30 -13.86 10.07
N VAL B 291 1.52 -15.02 9.47
CA VAL B 291 2.55 -16.03 9.88
C VAL B 291 3.80 -15.81 9.01
N ASN B 292 4.93 -15.55 9.68
CA ASN B 292 6.27 -15.23 9.11
C ASN B 292 7.31 -16.26 9.58
N HIS B 293 8.45 -16.31 8.91
CA HIS B 293 9.68 -17.05 9.33
C HIS B 293 10.73 -16.01 9.65
N VAL B 294 11.49 -16.20 10.73
CA VAL B 294 12.59 -15.25 11.06
C VAL B 294 13.77 -15.55 10.12
N THR B 295 14.32 -14.54 9.47
CA THR B 295 15.44 -14.67 8.49
C THR B 295 16.78 -14.58 9.23
N GLY B 296 16.89 -13.64 10.16
CA GLY B 296 18.09 -13.46 10.99
C GLY B 296 17.87 -12.34 11.96
N VAL B 297 18.82 -12.11 12.86
CA VAL B 297 18.73 -11.10 13.95
C VAL B 297 20.00 -10.25 13.86
N LYS B 298 19.89 -8.92 13.92
CA LYS B 298 21.07 -8.03 13.74
C LYS B 298 20.93 -6.81 14.65
N THR B 299 21.97 -5.97 14.67
CA THR B 299 22.15 -4.80 15.57
C THR B 299 22.81 -3.67 14.79
N ASN B 300 22.09 -2.54 14.64
CA ASN B 300 22.61 -1.21 14.23
C ASN B 300 22.88 -0.43 15.51
N GLY B 301 24.15 -0.32 15.91
CA GLY B 301 24.54 0.36 17.17
C GLY B 301 23.84 -0.27 18.36
N THR B 302 22.72 0.34 18.80
CA THR B 302 21.99 -0.03 20.06
C THR B 302 20.47 -0.14 19.88
N LYS B 303 19.96 -0.25 18.64
CA LYS B 303 18.64 -0.87 18.35
C LYS B 303 18.89 -2.32 17.88
N ASN B 304 17.95 -3.23 18.10
CA ASN B 304 18.03 -4.67 17.71
C ASN B 304 16.88 -5.00 16.74
N PHE B 305 17.11 -5.96 15.84
CA PHE B 305 16.24 -6.18 14.66
C PHE B 305 15.95 -7.65 14.49
N ILE B 306 14.67 -8.02 14.54
CA ILE B 306 14.12 -9.28 13.99
C ILE B 306 13.69 -9.01 12.54
N VAL B 307 14.46 -9.59 11.62
CA VAL B 307 14.22 -9.55 10.17
C VAL B 307 13.40 -10.79 9.80
N ILE B 308 12.19 -10.55 9.28
CA ILE B 308 11.25 -11.62 8.85
C ILE B 308 11.07 -11.55 7.35
N ASP B 309 10.48 -12.61 6.78
CA ASP B 309 10.24 -12.77 5.32
C ASP B 309 9.07 -11.85 4.90
N GLY B 310 8.05 -11.65 5.75
CA GLY B 310 6.91 -10.74 5.52
C GLY B 310 7.32 -9.27 5.62
N SER B 311 6.48 -8.34 5.14
CA SER B 311 6.80 -6.90 5.00
C SER B 311 5.52 -6.06 4.85
N MET B 312 5.69 -4.75 4.63
CA MET B 312 4.65 -3.72 4.34
C MET B 312 3.91 -4.03 3.03
N ALA B 313 4.50 -4.83 2.17
CA ALA B 313 3.86 -5.30 0.93
C ALA B 313 2.59 -6.09 1.29
N GLU B 314 2.66 -6.99 2.27
CA GLU B 314 1.53 -7.90 2.65
C GLU B 314 0.75 -7.33 3.82
N LEU B 315 1.33 -6.36 4.56
CA LEU B 315 0.72 -5.84 5.81
C LEU B 315 1.23 -4.41 6.08
N ILE B 316 0.56 -3.40 5.50
CA ILE B 316 1.04 -1.99 5.54
C ILE B 316 0.48 -1.22 6.76
N ARG B 317 -0.45 -1.81 7.55
CA ARG B 317 -1.21 -1.08 8.59
C ARG B 317 -0.27 -0.38 9.56
N PRO B 318 0.71 -1.06 10.20
CA PRO B 318 1.61 -0.38 11.14
C PRO B 318 2.29 0.87 10.54
N SER B 319 2.91 0.75 9.39
CA SER B 319 3.57 1.88 8.70
C SER B 319 2.53 2.95 8.41
N LEU B 320 1.40 2.59 7.80
CA LEU B 320 0.41 3.57 7.26
C LEU B 320 -0.26 4.37 8.39
N TYR B 321 -0.54 3.76 9.56
CA TYR B 321 -1.33 4.37 10.67
C TYR B 321 -0.58 4.42 11.99
N ASP B 322 0.70 4.03 12.05
CA ASP B 322 1.46 3.95 13.31
C ASP B 322 0.68 3.06 14.28
N ALA B 323 0.05 1.99 13.76
CA ALA B 323 -0.87 1.10 14.51
C ALA B 323 -0.07 -0.02 15.19
N TYR B 324 -0.53 -0.42 16.37
CA TYR B 324 0.00 -1.57 17.13
C TYR B 324 -0.76 -2.81 16.72
N GLN B 325 -0.06 -3.86 16.29
CA GLN B 325 -0.59 -5.24 16.23
C GLN B 325 0.36 -6.11 17.03
N HIS B 326 -0.16 -7.00 17.85
CA HIS B 326 0.67 -7.78 18.82
C HIS B 326 1.59 -8.73 18.05
N ILE B 327 2.85 -8.89 18.47
CA ILE B 327 3.83 -9.83 17.86
C ILE B 327 4.34 -10.82 18.92
N GLU B 328 4.39 -12.11 18.58
CA GLU B 328 4.97 -13.16 19.47
C GLU B 328 5.39 -14.36 18.62
N LEU B 329 6.22 -15.21 19.21
CA LEU B 329 6.84 -16.37 18.51
C LEU B 329 5.89 -17.55 18.55
N VAL B 330 6.02 -18.46 17.59
CA VAL B 330 5.09 -19.60 17.38
C VAL B 330 5.53 -20.77 18.28
N SER B 331 6.82 -20.93 18.51
CA SER B 331 7.43 -22.09 19.21
C SER B 331 8.20 -21.59 20.42
N PRO B 332 8.47 -22.45 21.42
CA PRO B 332 9.19 -22.00 22.62
C PRO B 332 10.69 -21.81 22.33
N THR B 333 11.33 -20.82 22.95
CA THR B 333 12.78 -20.57 22.76
C THR B 333 13.57 -21.36 23.80
N PRO B 334 14.75 -21.90 23.45
CA PRO B 334 15.72 -22.33 24.47
C PRO B 334 15.94 -21.17 25.44
N PRO B 335 15.78 -21.38 26.77
CA PRO B 335 15.71 -20.26 27.72
C PRO B 335 17.01 -19.51 28.04
N GLU B 336 18.15 -19.92 27.44
CA GLU B 336 19.47 -19.23 27.58
C GLU B 336 19.56 -18.02 26.63
N ALA B 337 18.60 -17.88 25.69
CA ALA B 337 18.41 -16.68 24.84
C ALA B 337 18.11 -15.45 25.71
N GLU B 338 18.58 -14.26 25.30
CA GLU B 338 18.55 -13.01 26.11
C GLU B 338 17.32 -12.16 25.73
N VAL B 339 16.21 -12.30 26.48
CA VAL B 339 14.97 -11.47 26.32
C VAL B 339 15.38 -9.99 26.28
N THR B 340 15.24 -9.35 25.11
CA THR B 340 15.52 -7.91 24.92
C THR B 340 14.53 -7.30 23.92
N LYS B 341 14.62 -5.99 23.70
CA LYS B 341 13.67 -5.16 22.91
C LYS B 341 14.07 -5.16 21.44
N PHE B 342 13.19 -5.67 20.57
CA PHE B 342 13.37 -5.74 19.10
C PHE B 342 12.41 -4.78 18.38
N ASP B 343 12.91 -4.17 17.29
CA ASP B 343 12.08 -3.71 16.16
C ASP B 343 11.90 -4.91 15.22
N VAL B 344 10.66 -5.18 14.78
CA VAL B 344 10.37 -6.26 13.79
C VAL B 344 10.15 -5.64 12.41
N VAL B 345 11.05 -5.98 11.48
CA VAL B 345 11.18 -5.40 10.12
C VAL B 345 11.16 -6.52 9.08
N GLY B 346 10.87 -6.16 7.82
CA GLY B 346 10.74 -7.05 6.66
C GLY B 346 11.99 -6.99 5.79
N PRO B 347 12.03 -7.70 4.64
CA PRO B 347 13.26 -7.81 3.83
C PRO B 347 13.63 -6.56 3.00
N VAL B 348 12.66 -5.68 2.75
CA VAL B 348 12.84 -4.39 2.01
C VAL B 348 13.70 -3.48 2.90
N CYS B 349 14.72 -2.85 2.34
CA CYS B 349 15.63 -1.94 3.07
C CYS B 349 15.02 -0.53 3.09
N GLU B 350 14.03 -0.29 3.94
CA GLU B 350 13.48 1.08 4.12
C GLU B 350 12.74 1.22 5.45
N SER B 351 12.70 2.45 5.95
CA SER B 351 12.25 2.84 7.31
C SER B 351 10.76 2.55 7.49
N ALA B 352 9.97 2.57 6.42
CA ALA B 352 8.52 2.25 6.45
C ALA B 352 8.28 0.74 6.47
N ASP B 353 9.27 -0.10 6.13
CA ASP B 353 9.15 -1.57 6.14
C ASP B 353 9.42 -2.12 7.54
N PHE B 354 8.40 -2.10 8.40
CA PHE B 354 8.44 -2.60 9.81
C PHE B 354 7.03 -3.05 10.20
N LEU B 355 6.92 -4.07 11.06
CA LEU B 355 5.61 -4.65 11.45
C LEU B 355 5.33 -4.38 12.93
N GLY B 356 6.37 -3.99 13.68
CA GLY B 356 6.25 -3.50 15.06
C GLY B 356 7.58 -3.00 15.58
N LYS B 357 7.54 -1.97 16.43
CA LYS B 357 8.71 -1.37 17.12
C LYS B 357 8.71 -1.73 18.62
N ASP B 358 9.89 -1.80 19.24
CA ASP B 358 10.09 -1.81 20.71
C ASP B 358 9.32 -2.96 21.38
N ARG B 359 9.51 -4.21 20.90
CA ARG B 359 8.77 -5.42 21.35
C ARG B 359 9.71 -6.33 22.12
N GLU B 360 9.53 -6.44 23.45
CA GLU B 360 10.30 -7.36 24.35
C GLU B 360 10.03 -8.80 23.92
N LEU B 361 11.06 -9.52 23.51
CA LEU B 361 10.93 -10.90 22.99
C LEU B 361 12.19 -11.69 23.29
N PRO B 362 12.08 -13.03 23.40
CA PRO B 362 13.27 -13.90 23.44
C PRO B 362 13.90 -13.96 22.05
N THR B 363 15.22 -13.80 21.97
CA THR B 363 15.96 -13.79 20.68
C THR B 363 15.63 -15.07 19.89
N PRO B 364 14.96 -14.96 18.73
CA PRO B 364 14.56 -16.15 17.99
C PRO B 364 15.68 -16.77 17.14
N PRO B 365 15.72 -18.11 17.01
CA PRO B 365 16.58 -18.75 16.00
C PRO B 365 16.10 -18.53 14.55
N GLN B 366 16.99 -18.80 13.60
CA GLN B 366 16.66 -18.69 12.16
C GLN B 366 15.60 -19.74 11.86
N GLY B 367 14.58 -19.35 11.09
CA GLY B 367 13.54 -20.26 10.59
C GLY B 367 12.43 -20.40 11.61
N ALA B 368 12.51 -19.69 12.73
CA ALA B 368 11.46 -19.67 13.77
C ALA B 368 10.23 -18.92 13.24
N GLY B 369 9.05 -19.52 13.45
CA GLY B 369 7.75 -18.85 13.30
C GLY B 369 7.66 -17.58 14.12
N LEU B 370 7.12 -16.54 13.51
CA LEU B 370 6.67 -15.32 14.22
C LEU B 370 5.28 -14.94 13.67
N VAL B 371 4.37 -14.42 14.51
CA VAL B 371 3.05 -13.94 14.05
C VAL B 371 2.88 -12.47 14.40
N VAL B 372 2.11 -11.79 13.54
CA VAL B 372 1.36 -10.55 13.83
C VAL B 372 -0.11 -10.96 14.03
N HIS B 373 -0.68 -10.59 15.17
CA HIS B 373 -2.05 -10.97 15.58
C HIS B 373 -3.05 -10.00 14.95
N ASP B 374 -4.33 -10.38 14.95
CA ASP B 374 -5.43 -9.43 14.66
C ASP B 374 -5.22 -8.84 13.24
N ALA B 375 -4.83 -9.65 12.27
CA ALA B 375 -4.49 -9.14 10.92
C ALA B 375 -5.54 -9.62 9.91
N GLY B 376 -6.77 -9.88 10.36
CA GLY B 376 -7.93 -10.30 9.53
C GLY B 376 -8.58 -9.15 8.74
N ALA B 377 -8.34 -7.90 9.14
CA ALA B 377 -9.00 -6.70 8.59
C ALA B 377 -7.99 -5.67 8.11
N TYR B 378 -8.10 -5.27 6.83
CA TYR B 378 -7.36 -4.13 6.22
C TYR B 378 -5.88 -4.47 6.17
N CYS B 379 -5.59 -5.76 5.98
CA CYS B 379 -4.24 -6.33 5.93
C CYS B 379 -4.12 -6.93 4.54
N MET B 380 -4.60 -8.16 4.33
CA MET B 380 -4.60 -8.75 2.97
C MET B 380 -5.30 -7.77 2.01
N SER B 381 -6.41 -7.16 2.41
CA SER B 381 -7.24 -6.31 1.51
C SER B 381 -6.44 -5.10 1.01
N MET B 382 -5.42 -4.64 1.75
CA MET B 382 -4.59 -3.45 1.40
C MET B 382 -3.22 -3.86 0.83
N ALA B 383 -3.04 -5.13 0.48
CA ALA B 383 -1.72 -5.73 0.14
C ALA B 383 -1.32 -5.37 -1.30
N SER B 384 -0.02 -5.10 -1.49
CA SER B 384 0.63 -4.78 -2.78
C SER B 384 1.58 -5.93 -3.19
N THR B 385 2.22 -5.77 -4.36
CA THR B 385 3.35 -6.61 -4.84
C THR B 385 4.62 -5.78 -4.73
N TYR B 386 4.62 -4.77 -3.87
CA TYR B 386 5.80 -3.88 -3.67
C TYR B 386 7.05 -4.74 -3.50
N ASN B 387 8.15 -4.33 -4.12
CA ASN B 387 9.44 -5.07 -4.12
C ASN B 387 9.21 -6.49 -4.69
N LEU B 388 8.18 -6.70 -5.50
CA LEU B 388 7.77 -8.03 -6.02
C LEU B 388 7.72 -9.10 -4.90
N LYS B 389 7.22 -8.74 -3.72
CA LYS B 389 6.79 -9.72 -2.69
C LYS B 389 5.37 -10.06 -3.08
N MET B 390 5.19 -11.23 -3.67
CA MET B 390 3.89 -11.57 -4.30
C MET B 390 2.93 -11.97 -3.18
N ARG B 391 1.64 -11.74 -3.40
CA ARG B 391 0.66 -11.77 -2.29
C ARG B 391 0.57 -13.18 -1.73
N PRO B 392 0.44 -13.33 -0.41
CA PRO B 392 0.50 -14.63 0.24
C PRO B 392 -0.76 -15.47 0.02
N PRO B 393 -0.68 -16.77 0.32
CA PRO B 393 -1.87 -17.62 0.39
C PRO B 393 -2.55 -17.43 1.74
N GLU B 394 -3.81 -17.86 1.80
CA GLU B 394 -4.68 -17.79 2.99
C GLU B 394 -5.16 -19.20 3.29
N TYR B 395 -5.11 -19.58 4.55
CA TYR B 395 -5.59 -20.88 5.07
C TYR B 395 -6.53 -20.56 6.21
N TRP B 396 -7.53 -21.41 6.46
CA TRP B 396 -8.28 -21.34 7.74
C TRP B 396 -8.33 -22.72 8.42
N VAL B 397 -8.56 -22.66 9.73
CA VAL B 397 -8.83 -23.82 10.64
C VAL B 397 -10.33 -23.91 10.87
N GLU B 398 -10.94 -25.05 10.57
CA GLU B 398 -12.40 -25.32 10.74
C GLU B 398 -12.69 -25.99 12.09
N GLU B 399 -13.98 -26.16 12.39
CA GLU B 399 -14.49 -26.81 13.63
C GLU B 399 -13.74 -28.12 13.86
N ASP B 400 -13.63 -28.95 12.82
CA ASP B 400 -13.13 -30.35 12.93
C ASP B 400 -11.60 -30.39 13.09
N GLY B 401 -10.92 -29.24 13.17
CA GLY B 401 -9.44 -29.18 13.30
C GLY B 401 -8.73 -29.24 11.94
N SER B 402 -9.46 -29.41 10.84
CA SER B 402 -8.91 -29.46 9.45
C SER B 402 -8.37 -28.08 9.00
N ILE B 403 -7.34 -28.07 8.15
CA ILE B 403 -6.69 -26.87 7.54
C ILE B 403 -7.05 -26.81 6.06
N THR B 404 -7.69 -25.74 5.59
CA THR B 404 -8.06 -25.58 4.17
C THR B 404 -7.50 -24.25 3.66
N LYS B 405 -6.85 -24.32 2.50
CA LYS B 405 -6.44 -23.14 1.70
C LYS B 405 -7.70 -22.46 1.17
N ILE B 406 -7.83 -21.16 1.40
CA ILE B 406 -9.01 -20.36 0.97
C ILE B 406 -8.56 -19.30 -0.05
N ARG B 407 -7.29 -19.33 -0.45
CA ARG B 407 -6.75 -18.40 -1.48
C ARG B 407 -5.39 -18.90 -1.97
N HIS B 408 -5.24 -19.07 -3.28
CA HIS B 408 -3.97 -19.40 -3.96
C HIS B 408 -2.98 -18.28 -3.70
N ALA B 409 -1.71 -18.62 -3.46
CA ALA B 409 -0.58 -17.67 -3.43
C ALA B 409 -0.41 -17.08 -4.84
N GLU B 410 -0.21 -15.78 -4.91
CA GLU B 410 0.29 -15.12 -6.14
C GLU B 410 1.73 -15.58 -6.39
N THR B 411 2.07 -15.82 -7.67
CA THR B 411 3.44 -16.20 -8.12
C THR B 411 4.00 -15.05 -8.94
N PHE B 412 5.28 -15.10 -9.28
CA PHE B 412 6.03 -14.10 -10.12
C PHE B 412 5.40 -14.04 -11.52
N ASP B 413 4.84 -15.16 -11.97
CA ASP B 413 4.17 -15.25 -13.29
C ASP B 413 2.95 -14.34 -13.33
N ASP B 414 2.31 -14.12 -12.18
CA ASP B 414 1.14 -13.23 -12.09
C ASP B 414 1.56 -11.77 -12.32
N HIS B 415 2.84 -11.44 -12.18
CA HIS B 415 3.38 -10.11 -12.57
C HIS B 415 3.64 -10.08 -14.08
N LEU B 416 4.12 -11.18 -14.68
CA LEU B 416 4.52 -11.18 -16.12
C LEU B 416 3.28 -11.12 -17.01
N ARG B 417 2.14 -11.66 -16.55
CA ARG B 417 0.83 -11.65 -17.28
C ARG B 417 0.51 -10.24 -17.80
N PHE B 418 0.88 -9.20 -17.05
CA PHE B 418 0.58 -7.77 -17.37
C PHE B 418 1.39 -7.25 -18.56
N PHE B 419 2.36 -8.01 -19.06
CA PHE B 419 3.29 -7.58 -20.14
C PHE B 419 3.22 -8.53 -21.33
N GLU B 420 2.40 -9.60 -21.28
CA GLU B 420 2.37 -10.62 -22.35
C GLU B 420 1.88 -9.93 -23.63
N GLY B 421 2.61 -10.11 -24.73
CA GLY B 421 2.24 -9.62 -26.08
C GLY B 421 2.52 -8.14 -26.32
N LEU B 422 3.16 -7.42 -25.39
CA LEU B 422 3.41 -5.95 -25.57
C LEU B 422 4.85 -5.72 -26.01
#